data_7F1N
#
_entry.id   7F1N
#
_cell.length_a   76.720
_cell.length_b   62.210
_cell.length_c   112.450
_cell.angle_alpha   90.000
_cell.angle_beta   98.508
_cell.angle_gamma   90.000
#
_symmetry.space_group_name_H-M   'P 1 21 1'
#
loop_
_entity.id
_entity.type
_entity.pdbx_description
1 polymer Beta-galactosidase
2 non-polymer 'MAGNESIUM ION'
3 water water
#
_entity_poly.entity_id   1
_entity_poly.type   'polypeptide(L)'
_entity_poly.pdbx_seq_one_letter_code
;MPFPEKFFWGASSSGFQFEMGDPEGKSIDPNTDWFKWVHDETNIRRGVVSGDLPEHGINYWDLFRSDHELAASIGMNAYR
IGIEWSRIFPKPTLDVRVGIELDPEGYITRVEVDDKAIEELDLLANKEAVSRYREIILDLRDRGLKVFVCLNHFTLPLWI
HDPIACRDTKLKRGPKGWVDKTTILEFAKYSAYMAWSLGNIVDYWVTFNEPMVVTEAGYFQPEVGFPPGLRNISAFKTAC
LNIANAHVVAYDLIKKYDKVRADDDSPSAAYVGIVHNIVPIKPYSERKLDLKAADLMNYIHNKWILEFIVRGKIDRSLVG
REKYLIDKFKDKLDWLGVNYYTRIVLKGKWVPPLISPVPVIPDIVKGYGFNCTPGGRSLDGMPVSDFGWEVYPQGLSDAL
DIASEYGKPLIVTENGIADSEDNIRPYFLVSHLKVLEEYVEKKKNVYGYLHWALTDNYEWAQGFKMRFGLTDVDLETKER
KPRESSEVFKIIASEKTVPEELVEKYPKPIF
;
_entity_poly.pdbx_strand_id   A,B
#
loop_
_chem_comp.id
_chem_comp.type
_chem_comp.name
_chem_comp.formula
MG non-polymer 'MAGNESIUM ION' 'Mg 2'
#
# COMPACT_ATOMS: atom_id res chain seq x y z
N MET A 1 37.78 2.64 18.87
CA MET A 1 36.39 2.22 18.82
C MET A 1 35.38 3.32 18.47
N PRO A 2 35.50 4.52 19.04
CA PRO A 2 34.63 5.60 18.58
C PRO A 2 34.96 5.92 17.13
N PHE A 3 33.98 6.45 16.41
CA PHE A 3 34.24 6.84 15.03
C PHE A 3 35.35 7.89 15.02
N PRO A 4 36.25 7.87 14.03
CA PRO A 4 37.32 8.86 13.98
C PRO A 4 36.77 10.28 13.97
N GLU A 5 37.58 11.21 14.45
CA GLU A 5 37.12 12.59 14.63
C GLU A 5 36.63 13.20 13.32
N LYS A 6 37.27 12.86 12.21
CA LYS A 6 36.94 13.44 10.91
C LYS A 6 35.86 12.68 10.17
N PHE A 7 35.23 11.70 10.81
CA PHE A 7 34.22 10.88 10.14
C PHE A 7 33.03 11.75 9.72
N PHE A 8 32.60 11.58 8.47
CA PHE A 8 31.52 12.40 7.92
C PHE A 8 30.17 11.93 8.44
N TRP A 9 29.40 12.87 8.99
CA TRP A 9 28.02 12.63 9.39
C TRP A 9 27.13 13.62 8.65
N GLY A 10 26.17 13.11 7.90
CA GLY A 10 25.31 14.00 7.16
C GLY A 10 24.13 13.28 6.54
N ALA A 11 23.60 13.90 5.49
CA ALA A 11 22.44 13.37 4.78
C ALA A 11 22.64 13.60 3.29
N SER A 12 21.81 12.92 2.50
CA SER A 12 21.83 13.07 1.05
C SER A 12 20.48 13.57 0.56
N SER A 13 20.50 14.24 -0.59
CA SER A 13 19.29 14.73 -1.22
C SER A 13 19.51 14.75 -2.73
N SER A 14 18.43 15.00 -3.46
CA SER A 14 18.48 15.15 -4.91
C SER A 14 17.62 16.35 -5.30
N GLY A 15 17.88 16.85 -6.51
CA GLY A 15 17.13 17.99 -7.01
C GLY A 15 15.64 17.71 -7.16
N PHE A 16 15.30 16.65 -7.90
CA PHE A 16 13.91 16.42 -8.27
C PHE A 16 13.04 16.10 -7.07
N GLN A 17 13.59 15.44 -6.06
CA GLN A 17 12.80 15.01 -4.92
C GLN A 17 12.64 16.08 -3.85
N PHE A 18 13.41 17.15 -3.90
CA PHE A 18 13.46 18.14 -2.83
C PHE A 18 13.12 19.55 -3.27
N GLU A 19 13.53 19.96 -4.48
CA GLU A 19 13.62 21.37 -4.80
C GLU A 19 12.24 22.02 -4.94
N MET A 20 11.35 21.39 -5.71
CA MET A 20 10.11 22.07 -6.09
C MET A 20 9.12 22.10 -4.93
N GLY A 21 8.17 23.03 -5.03
CA GLY A 21 7.09 23.09 -4.05
C GLY A 21 6.74 24.50 -3.62
N ASP A 22 7.29 25.51 -4.28
CA ASP A 22 7.10 26.87 -3.79
C ASP A 22 5.65 27.30 -4.01
N PRO A 23 5.15 28.21 -3.18
CA PRO A 23 3.73 28.49 -3.21
C PRO A 23 3.28 29.18 -4.47
N GLU A 24 4.14 30.08 -4.99
CA GLU A 24 3.88 30.90 -6.16
C GLU A 24 4.19 30.17 -7.45
N GLY A 25 4.82 29.00 -7.38
CA GLY A 25 5.06 28.15 -8.52
C GLY A 25 6.21 28.58 -9.40
N LYS A 26 7.01 29.56 -8.98
CA LYS A 26 8.02 30.11 -9.87
C LYS A 26 9.21 29.18 -10.08
N SER A 27 9.42 28.21 -9.20
CA SER A 27 10.59 27.35 -9.24
C SER A 27 10.35 26.03 -9.95
N ILE A 28 9.18 25.85 -10.58
CA ILE A 28 8.86 24.58 -11.22
C ILE A 28 9.82 24.31 -12.36
N ASP A 29 10.36 23.10 -12.41
CA ASP A 29 11.18 22.64 -13.53
C ASP A 29 10.40 21.60 -14.31
N PRO A 30 9.67 21.99 -15.36
CA PRO A 30 8.88 21.03 -16.13
C PRO A 30 9.67 20.29 -17.19
N ASN A 31 10.98 20.51 -17.30
CA ASN A 31 11.77 20.03 -18.44
C ASN A 31 12.61 18.80 -18.09
N THR A 32 12.06 17.84 -17.35
CA THR A 32 12.74 16.58 -17.13
C THR A 32 11.88 15.43 -17.64
N ASP A 33 12.53 14.30 -17.91
CA ASP A 33 11.78 13.10 -18.26
C ASP A 33 10.90 12.66 -17.10
N TRP A 34 11.39 12.79 -15.87
CA TRP A 34 10.62 12.38 -14.70
C TRP A 34 9.42 13.29 -14.46
N PHE A 35 9.55 14.59 -14.73
CA PHE A 35 8.41 15.49 -14.59
C PHE A 35 7.28 15.08 -15.52
N LYS A 36 7.60 14.88 -16.80
CA LYS A 36 6.60 14.41 -17.75
C LYS A 36 6.12 13.00 -17.41
N TRP A 37 6.99 12.19 -16.80
CA TRP A 37 6.63 10.82 -16.48
C TRP A 37 5.54 10.75 -15.41
N VAL A 38 5.67 11.57 -14.36
CA VAL A 38 4.71 11.51 -13.26
C VAL A 38 3.44 12.31 -13.53
N HIS A 39 3.43 13.13 -14.58
CA HIS A 39 2.22 13.81 -15.01
C HIS A 39 1.47 13.06 -16.10
N ASP A 40 2.02 11.96 -16.59
CA ASP A 40 1.39 11.23 -17.68
C ASP A 40 0.07 10.64 -17.22
N GLU A 41 -0.99 10.95 -17.97
CA GLU A 41 -2.33 10.44 -17.67
C GLU A 41 -2.34 8.93 -17.53
N THR A 42 -1.80 8.23 -18.52
CA THR A 42 -1.84 6.77 -18.52
C THR A 42 -1.11 6.21 -17.31
N ASN A 43 0.09 6.71 -17.02
CA ASN A 43 0.82 6.26 -15.84
C ASN A 43 0.00 6.43 -14.58
N ILE A 44 -0.73 7.55 -14.47
CA ILE A 44 -1.50 7.82 -13.25
C ILE A 44 -2.67 6.84 -13.13
N ARG A 45 -3.40 6.61 -14.22
CA ARG A 45 -4.54 5.70 -14.17
C ARG A 45 -4.09 4.27 -13.89
N ARG A 46 -2.99 3.83 -14.51
CA ARG A 46 -2.46 2.48 -14.35
C ARG A 46 -1.88 2.22 -12.96
N GLY A 47 -1.63 3.25 -12.18
CA GLY A 47 -0.87 3.06 -10.97
C GLY A 47 0.61 2.88 -11.20
N VAL A 48 1.11 3.25 -12.38
CA VAL A 48 2.55 3.24 -12.61
C VAL A 48 3.22 4.28 -11.73
N VAL A 49 2.60 5.44 -11.58
CA VAL A 49 3.07 6.49 -10.69
C VAL A 49 1.95 6.82 -9.72
N SER A 50 2.30 7.53 -8.64
CA SER A 50 1.37 7.71 -7.52
C SER A 50 0.28 8.74 -7.80
N GLY A 51 0.46 9.61 -8.79
CA GLY A 51 -0.41 10.74 -8.98
C GLY A 51 0.01 11.98 -8.21
N ASP A 52 0.86 11.84 -7.20
CA ASP A 52 1.45 12.99 -6.55
C ASP A 52 2.34 13.75 -7.52
N LEU A 53 2.45 15.06 -7.33
CA LEU A 53 3.22 15.86 -8.24
C LEU A 53 4.37 16.55 -7.53
N PRO A 54 5.56 16.58 -8.14
CA PRO A 54 6.72 17.16 -7.44
C PRO A 54 6.58 18.64 -7.17
N GLU A 55 5.79 19.37 -7.96
CA GLU A 55 5.62 20.80 -7.76
C GLU A 55 4.90 21.13 -6.45
N HIS A 56 4.35 20.13 -5.76
CA HIS A 56 3.78 20.32 -4.44
C HIS A 56 4.72 19.85 -3.33
N GLY A 57 6.02 19.81 -3.61
CA GLY A 57 6.99 19.24 -2.70
C GLY A 57 7.40 20.16 -1.57
N ILE A 58 8.54 19.81 -0.95
CA ILE A 58 8.94 20.43 0.31
C ILE A 58 9.68 21.75 0.15
N ASN A 59 9.89 22.20 -1.09
CA ASN A 59 10.40 23.55 -1.36
C ASN A 59 11.81 23.76 -0.82
N TYR A 60 12.69 22.78 -1.04
CA TYR A 60 14.10 22.94 -0.68
C TYR A 60 14.78 24.04 -1.49
N TRP A 61 14.25 24.35 -2.68
CA TRP A 61 14.85 25.36 -3.54
C TRP A 61 14.93 26.72 -2.85
N ASP A 62 13.91 27.07 -2.07
CA ASP A 62 13.88 28.34 -1.35
C ASP A 62 14.09 28.20 0.15
N LEU A 63 13.83 27.04 0.73
CA LEU A 63 13.93 26.82 2.17
C LEU A 63 15.25 26.17 2.57
N PHE A 64 16.25 26.18 1.70
CA PHE A 64 17.47 25.42 1.96
C PHE A 64 18.22 25.92 3.19
N ARG A 65 18.16 27.22 3.47
CA ARG A 65 18.88 27.74 4.63
C ARG A 65 18.31 27.19 5.93
N SER A 66 17.00 26.92 5.99
CA SER A 66 16.41 26.36 7.19
C SER A 66 16.77 24.89 7.36
N ASP A 67 16.74 24.13 6.27
CA ASP A 67 17.10 22.71 6.34
C ASP A 67 18.58 22.54 6.71
N HIS A 68 19.44 23.42 6.20
CA HIS A 68 20.86 23.33 6.52
C HIS A 68 21.11 23.61 7.99
N GLU A 69 20.41 24.59 8.56
CA GLU A 69 20.56 24.86 9.98
C GLU A 69 20.02 23.71 10.81
N LEU A 70 18.92 23.09 10.36
CA LEU A 70 18.42 21.88 11.00
C LEU A 70 19.48 20.78 10.98
N ALA A 71 20.13 20.59 9.83
CA ALA A 71 21.16 19.55 9.73
C ALA A 71 22.32 19.82 10.66
N ALA A 72 22.76 21.08 10.75
CA ALA A 72 23.86 21.40 11.65
C ALA A 72 23.46 21.21 13.11
N SER A 73 22.22 21.57 13.46
CA SER A 73 21.77 21.48 14.84
C SER A 73 21.76 20.05 15.35
N ILE A 74 21.71 19.06 14.47
CA ILE A 74 21.76 17.66 14.87
C ILE A 74 23.14 17.05 14.60
N GLY A 75 24.17 17.87 14.50
CA GLY A 75 25.53 17.37 14.47
C GLY A 75 26.04 16.89 13.13
N MET A 76 25.43 17.32 12.03
CA MET A 76 25.91 16.92 10.72
C MET A 76 27.06 17.82 10.28
N ASN A 77 28.10 17.20 9.72
CA ASN A 77 29.24 17.94 9.18
C ASN A 77 29.44 17.69 7.69
N ALA A 78 28.45 17.12 7.01
CA ALA A 78 28.56 16.81 5.58
C ALA A 78 27.16 16.78 4.99
N TYR A 79 27.09 16.90 3.66
CA TYR A 79 25.80 16.91 2.99
C TYR A 79 26.01 16.73 1.50
N ARG A 80 25.16 15.90 0.89
CA ARG A 80 25.16 15.69 -0.55
C ARG A 80 23.90 16.28 -1.16
N ILE A 81 24.07 17.10 -2.19
CA ILE A 81 22.97 17.61 -2.98
C ILE A 81 23.18 17.17 -4.42
N GLY A 82 22.10 17.21 -5.19
CA GLY A 82 22.15 16.92 -6.62
C GLY A 82 21.90 18.19 -7.41
N ILE A 83 22.59 18.32 -8.54
CA ILE A 83 22.37 19.39 -9.50
C ILE A 83 21.47 18.84 -10.59
N GLU A 84 20.38 19.56 -10.89
CA GLU A 84 19.50 19.17 -11.98
C GLU A 84 20.08 19.68 -13.30
N TRP A 85 20.58 18.75 -14.10
CA TRP A 85 21.05 19.05 -15.46
C TRP A 85 20.04 19.91 -16.21
N SER A 86 18.75 19.58 -16.08
CA SER A 86 17.71 20.32 -16.78
C SER A 86 17.59 21.76 -16.32
N ARG A 87 18.01 22.05 -15.09
CA ARG A 87 17.96 23.44 -14.62
C ARG A 87 19.11 24.25 -15.21
N ILE A 88 20.30 23.67 -15.28
CA ILE A 88 21.45 24.39 -15.82
C ILE A 88 21.26 24.67 -17.30
N PHE A 89 20.83 23.65 -18.06
CA PHE A 89 20.65 23.75 -19.50
C PHE A 89 19.21 23.36 -19.85
N PRO A 90 18.27 24.30 -19.72
CA PRO A 90 16.89 24.00 -20.14
C PRO A 90 16.75 23.75 -21.63
N LYS A 91 17.70 24.21 -22.45
CA LYS A 91 17.65 24.01 -23.88
C LYS A 91 18.89 23.28 -24.38
N PRO A 92 18.78 22.53 -25.47
CA PRO A 92 19.85 21.62 -25.86
C PRO A 92 21.20 22.32 -26.06
N THR A 93 22.25 21.61 -25.65
CA THR A 93 23.64 21.99 -25.90
C THR A 93 24.23 21.26 -27.11
N LEU A 94 23.37 20.70 -27.95
CA LEU A 94 23.83 19.85 -29.05
C LEU A 94 24.64 20.62 -30.08
N ASP A 95 24.55 21.94 -30.10
CA ASP A 95 25.23 22.73 -31.13
C ASP A 95 26.63 23.21 -30.73
N VAL A 96 27.02 23.07 -29.46
CA VAL A 96 28.43 23.29 -29.15
C VAL A 96 29.22 22.13 -29.76
N ARG A 97 30.03 22.43 -30.77
CA ARG A 97 30.86 21.39 -31.35
C ARG A 97 32.05 21.11 -30.45
N VAL A 98 32.45 19.84 -30.43
CA VAL A 98 33.39 19.35 -29.44
C VAL A 98 34.17 18.20 -30.08
N GLY A 99 35.48 18.21 -29.93
CA GLY A 99 36.29 17.12 -30.45
C GLY A 99 36.08 15.85 -29.66
N ILE A 100 36.11 14.72 -30.36
CA ILE A 100 35.89 13.43 -29.71
C ILE A 100 36.92 12.42 -30.21
N GLU A 101 37.15 11.39 -29.39
CA GLU A 101 38.05 10.29 -29.70
C GLU A 101 37.30 8.99 -29.42
N LEU A 102 37.44 8.03 -30.33
CA LEU A 102 36.69 6.78 -30.26
C LEU A 102 37.64 5.59 -30.18
N ASP A 103 37.36 4.69 -29.23
CA ASP A 103 38.00 3.38 -29.18
C ASP A 103 37.61 2.57 -30.42
N PRO A 104 38.44 1.60 -30.84
CA PRO A 104 38.05 0.76 -31.99
C PRO A 104 36.64 0.19 -31.92
N GLU A 105 36.18 -0.19 -30.73
CA GLU A 105 34.90 -0.85 -30.59
C GLU A 105 33.73 0.11 -30.47
N GLY A 106 33.99 1.42 -30.44
CA GLY A 106 32.93 2.42 -30.48
C GLY A 106 32.76 3.23 -29.23
N TYR A 107 33.46 2.89 -28.14
CA TYR A 107 33.34 3.66 -26.92
C TYR A 107 34.02 5.02 -27.08
N ILE A 108 33.47 6.02 -26.39
CA ILE A 108 34.02 7.37 -26.39
C ILE A 108 35.05 7.45 -25.28
N THR A 109 36.32 7.50 -25.66
CA THR A 109 37.40 7.60 -24.69
C THR A 109 37.78 9.05 -24.39
N ARG A 110 37.20 10.01 -25.10
CA ARG A 110 37.58 11.40 -24.93
C ARG A 110 36.55 12.36 -25.52
N VAL A 111 36.13 13.35 -24.74
CA VAL A 111 35.30 14.45 -25.21
C VAL A 111 36.10 15.72 -24.98
N GLU A 112 36.51 16.37 -26.09
CA GLU A 112 37.46 17.49 -26.03
C GLU A 112 36.70 18.80 -25.81
N VAL A 113 36.41 19.10 -24.55
CA VAL A 113 35.79 20.36 -24.18
C VAL A 113 36.89 21.36 -23.89
N ASP A 114 36.99 22.41 -24.73
CA ASP A 114 38.04 23.40 -24.61
C ASP A 114 37.47 24.74 -24.15
N ASP A 115 38.30 25.77 -24.19
CA ASP A 115 37.88 27.11 -23.75
C ASP A 115 36.67 27.60 -24.54
N LYS A 116 36.72 27.48 -25.88
CA LYS A 116 35.63 27.99 -26.71
C LYS A 116 34.34 27.22 -26.45
N ALA A 117 34.44 25.92 -26.19
CA ALA A 117 33.25 25.15 -25.83
C ALA A 117 32.68 25.62 -24.50
N ILE A 118 33.55 25.92 -23.53
CA ILE A 118 33.09 26.45 -22.25
C ILE A 118 32.37 27.78 -22.45
N GLU A 119 32.95 28.65 -23.30
CA GLU A 119 32.33 29.95 -23.57
C GLU A 119 30.92 29.78 -24.13
N GLU A 120 30.76 28.90 -25.12
CA GLU A 120 29.44 28.69 -25.70
C GLU A 120 28.47 28.10 -24.68
N LEU A 121 28.96 27.19 -23.83
CA LEU A 121 28.11 26.62 -22.79
C LEU A 121 27.72 27.67 -21.76
N ASP A 122 28.64 28.58 -21.43
CA ASP A 122 28.30 29.66 -20.50
C ASP A 122 27.19 30.53 -21.06
N LEU A 123 27.08 30.62 -22.39
CA LEU A 123 26.03 31.40 -23.01
C LEU A 123 24.70 30.65 -23.07
N LEU A 124 24.72 29.33 -22.91
CA LEU A 124 23.49 28.54 -22.93
C LEU A 124 22.96 28.23 -21.54
N ALA A 125 23.80 28.29 -20.52
CA ALA A 125 23.39 27.87 -19.19
C ALA A 125 22.47 28.89 -18.53
N ASN A 126 21.61 28.40 -17.64
CA ASN A 126 20.74 29.27 -16.85
C ASN A 126 21.57 29.83 -15.70
N LYS A 127 22.03 31.08 -15.87
CA LYS A 127 22.81 31.74 -14.83
C LYS A 127 22.07 31.79 -13.50
N GLU A 128 20.74 31.90 -13.55
CA GLU A 128 19.95 31.95 -12.32
C GLU A 128 20.07 30.65 -11.55
N ALA A 129 19.94 29.51 -12.24
CA ALA A 129 20.03 28.22 -11.58
C ALA A 129 21.44 27.98 -11.04
N VAL A 130 22.46 28.39 -11.78
CA VAL A 130 23.84 28.22 -11.33
C VAL A 130 24.09 29.00 -10.04
N SER A 131 23.66 30.26 -10.01
CA SER A 131 23.90 31.09 -8.83
C SER A 131 23.13 30.59 -7.62
N ARG A 132 21.93 30.02 -7.82
CA ARG A 132 21.20 29.45 -6.69
C ARG A 132 21.92 28.23 -6.12
N TYR A 133 22.40 27.33 -7.00
CA TYR A 133 23.19 26.19 -6.52
C TYR A 133 24.45 26.66 -5.81
N ARG A 134 25.06 27.75 -6.30
CA ARG A 134 26.20 28.32 -5.60
C ARG A 134 25.80 28.86 -4.22
N GLU A 135 24.65 29.54 -4.14
CA GLU A 135 24.16 30.02 -2.85
C GLU A 135 23.83 28.86 -1.92
N ILE A 136 23.28 27.78 -2.48
CA ILE A 136 23.03 26.58 -1.68
C ILE A 136 24.34 26.04 -1.13
N ILE A 137 25.30 25.76 -2.02
CA ILE A 137 26.57 25.18 -1.61
C ILE A 137 27.28 26.07 -0.60
N LEU A 138 27.30 27.38 -0.84
CA LEU A 138 27.98 28.30 0.08
C LEU A 138 27.32 28.30 1.46
N ASP A 139 26.01 28.10 1.53
CA ASP A 139 25.34 28.06 2.82
C ASP A 139 25.75 26.82 3.61
N LEU A 140 25.91 25.68 2.93
CA LEU A 140 26.48 24.50 3.57
C LEU A 140 27.84 24.81 4.18
N ARG A 141 28.75 25.37 3.37
CA ARG A 141 30.11 25.62 3.82
C ARG A 141 30.14 26.62 4.97
N ASP A 142 29.28 27.65 4.89
CA ASP A 142 29.21 28.63 5.97
C ASP A 142 28.84 27.99 7.30
N ARG A 143 28.06 26.92 7.28
CA ARG A 143 27.65 26.23 8.49
C ARG A 143 28.56 25.07 8.84
N GLY A 144 29.69 24.92 8.14
CA GLY A 144 30.66 23.90 8.48
C GLY A 144 30.32 22.51 8.01
N LEU A 145 29.58 22.37 6.92
CA LEU A 145 29.24 21.07 6.35
C LEU A 145 30.01 20.88 5.05
N LYS A 146 30.74 19.76 4.96
CA LYS A 146 31.46 19.44 3.73
C LYS A 146 30.48 19.04 2.64
N VAL A 147 30.66 19.61 1.46
CA VAL A 147 29.68 19.51 0.38
C VAL A 147 30.09 18.38 -0.57
N PHE A 148 29.13 17.50 -0.86
CA PHE A 148 29.24 16.51 -1.92
C PHE A 148 28.25 16.89 -3.01
N VAL A 149 28.70 16.97 -4.26
CA VAL A 149 27.85 17.40 -5.36
C VAL A 149 27.71 16.25 -6.35
N CYS A 150 26.47 15.81 -6.55
CA CYS A 150 26.12 14.77 -7.51
C CYS A 150 25.61 15.43 -8.79
N LEU A 151 26.18 15.05 -9.92
CA LEU A 151 25.84 15.72 -11.18
C LEU A 151 24.54 15.19 -11.78
N ASN A 152 24.20 13.92 -11.57
CA ASN A 152 22.99 13.36 -12.13
C ASN A 152 22.37 12.38 -11.15
N HIS A 153 21.08 12.57 -10.88
CA HIS A 153 20.31 11.73 -9.95
C HIS A 153 19.00 11.34 -10.65
N PHE A 154 19.10 10.37 -11.56
CA PHE A 154 17.99 9.78 -12.32
C PHE A 154 17.49 10.70 -13.42
N THR A 155 17.00 11.88 -13.07
CA THR A 155 16.29 12.71 -14.05
C THR A 155 17.24 13.22 -15.14
N LEU A 156 16.67 13.41 -16.33
CA LEU A 156 17.37 13.89 -17.51
C LEU A 156 16.55 15.01 -18.15
N PRO A 157 17.22 15.96 -18.81
CA PRO A 157 16.48 16.98 -19.56
C PRO A 157 15.58 16.34 -20.60
N LEU A 158 14.42 16.97 -20.83
CA LEU A 158 13.47 16.42 -21.78
C LEU A 158 14.03 16.37 -23.19
N TRP A 159 14.93 17.30 -23.54
CA TRP A 159 15.59 17.24 -24.83
C TRP A 159 16.67 16.16 -24.88
N ILE A 160 16.98 15.53 -23.75
CA ILE A 160 17.85 14.37 -23.71
C ILE A 160 17.06 13.07 -23.71
N HIS A 161 15.89 13.08 -23.06
CA HIS A 161 15.09 11.86 -22.94
C HIS A 161 13.62 12.25 -22.85
N ASP A 162 12.83 11.88 -23.86
CA ASP A 162 11.39 11.98 -23.73
C ASP A 162 10.86 10.58 -23.47
N PRO A 163 10.51 10.25 -22.23
CA PRO A 163 10.17 8.85 -21.92
C PRO A 163 8.80 8.44 -22.47
N ILE A 164 7.88 9.39 -22.63
CA ILE A 164 6.58 9.06 -23.19
C ILE A 164 6.72 8.66 -24.66
N ALA A 165 7.57 9.38 -25.40
CA ALA A 165 7.83 8.99 -26.78
C ALA A 165 8.52 7.65 -26.86
N CYS A 166 9.51 7.41 -25.98
CA CYS A 166 10.22 6.14 -25.99
C CYS A 166 9.29 4.98 -25.64
N ARG A 167 8.43 5.16 -24.63
CA ARG A 167 7.51 4.11 -24.24
C ARG A 167 6.52 3.80 -25.36
N ASP A 168 5.87 4.84 -25.90
CA ASP A 168 4.76 4.63 -26.83
C ASP A 168 5.21 3.96 -28.13
N THR A 169 6.43 4.24 -28.58
CA THR A 169 6.93 3.70 -29.84
C THR A 169 7.98 2.62 -29.64
N LYS A 170 8.23 2.21 -28.40
CA LYS A 170 9.30 1.27 -28.05
C LYS A 170 10.62 1.68 -28.69
N LEU A 171 11.03 2.92 -28.39
CA LEU A 171 12.34 3.46 -28.70
C LEU A 171 12.59 3.69 -30.19
N LYS A 172 11.53 3.76 -31.00
CA LYS A 172 11.73 4.16 -32.39
C LYS A 172 11.96 5.67 -32.49
N ARG A 173 11.20 6.45 -31.73
CA ARG A 173 11.36 7.89 -31.65
C ARG A 173 11.85 8.29 -30.26
N GLY A 174 12.64 9.37 -30.21
CA GLY A 174 13.23 9.81 -28.97
C GLY A 174 12.84 11.22 -28.55
N PRO A 175 13.76 11.96 -27.91
CA PRO A 175 15.13 11.60 -27.51
C PRO A 175 15.18 10.41 -26.56
N LYS A 176 16.18 9.55 -26.72
CA LYS A 176 16.17 8.21 -26.14
C LYS A 176 16.99 8.08 -24.87
N GLY A 177 17.47 9.19 -24.31
CA GLY A 177 18.18 9.11 -23.04
C GLY A 177 19.47 8.34 -23.17
N TRP A 178 19.71 7.42 -22.23
CA TRP A 178 20.97 6.70 -22.16
C TRP A 178 21.11 5.63 -23.24
N VAL A 179 20.05 5.35 -24.00
CA VAL A 179 20.16 4.48 -25.16
C VAL A 179 20.96 5.13 -26.27
N ASP A 180 21.05 6.47 -26.28
CA ASP A 180 21.69 7.22 -27.34
C ASP A 180 23.05 7.71 -26.88
N LYS A 181 24.09 7.42 -27.68
CA LYS A 181 25.45 7.86 -27.33
C LYS A 181 25.58 9.37 -27.28
N THR A 182 24.69 10.10 -27.96
CA THR A 182 24.71 11.56 -27.89
C THR A 182 24.63 12.05 -26.46
N THR A 183 23.87 11.33 -25.62
CA THR A 183 23.74 11.71 -24.22
C THR A 183 25.09 11.72 -23.51
N ILE A 184 26.00 10.83 -23.90
CA ILE A 184 27.35 10.85 -23.35
C ILE A 184 28.03 12.18 -23.64
N LEU A 185 27.93 12.64 -24.88
CA LEU A 185 28.60 13.88 -25.29
C LEU A 185 28.05 15.08 -24.52
N GLU A 186 26.71 15.17 -24.40
CA GLU A 186 26.11 16.31 -23.71
C GLU A 186 26.39 16.25 -22.21
N PHE A 187 26.30 15.07 -21.61
CA PHE A 187 26.63 14.94 -20.20
C PHE A 187 28.08 15.32 -19.95
N ALA A 188 28.96 15.05 -20.91
CA ALA A 188 30.36 15.46 -20.78
C ALA A 188 30.49 16.97 -20.78
N LYS A 189 29.79 17.65 -21.69
CA LYS A 189 29.78 19.11 -21.69
C LYS A 189 29.24 19.65 -20.39
N TYR A 190 28.10 19.10 -19.94
CA TYR A 190 27.48 19.54 -18.69
C TYR A 190 28.42 19.34 -17.51
N SER A 191 29.11 18.19 -17.46
CA SER A 191 30.04 17.93 -16.37
C SER A 191 31.22 18.90 -16.38
N ALA A 192 31.79 19.15 -17.57
CA ALA A 192 32.90 20.08 -17.67
C ALA A 192 32.48 21.49 -17.24
N TYR A 193 31.29 21.92 -17.67
CA TYR A 193 30.84 23.27 -17.33
C TYR A 193 30.59 23.42 -15.83
N MET A 194 30.07 22.38 -15.18
CA MET A 194 29.82 22.47 -13.75
C MET A 194 31.13 22.48 -12.96
N ALA A 195 32.11 21.66 -13.37
CA ALA A 195 33.40 21.67 -12.69
C ALA A 195 34.09 23.03 -12.86
N TRP A 196 33.95 23.63 -14.04
CA TRP A 196 34.47 24.98 -14.25
C TRP A 196 33.72 26.00 -13.39
N SER A 197 32.41 25.81 -13.21
CA SER A 197 31.60 26.78 -12.49
C SER A 197 31.80 26.68 -10.98
N LEU A 198 31.81 25.46 -10.43
CA LEU A 198 31.74 25.25 -8.99
C LEU A 198 33.02 24.69 -8.39
N GLY A 199 34.06 24.45 -9.20
CA GLY A 199 35.27 23.80 -8.71
C GLY A 199 35.93 24.51 -7.54
N ASN A 200 35.73 25.81 -7.39
CA ASN A 200 36.33 26.56 -6.30
C ASN A 200 35.58 26.41 -4.98
N ILE A 201 34.39 25.81 -4.99
CA ILE A 201 33.62 25.59 -3.77
C ILE A 201 33.22 24.14 -3.58
N VAL A 202 33.67 23.24 -4.46
CA VAL A 202 33.33 21.82 -4.41
C VAL A 202 34.59 21.01 -4.67
N ASP A 203 34.91 20.07 -3.77
CA ASP A 203 36.00 19.14 -3.98
C ASP A 203 35.54 17.69 -4.13
N TYR A 204 34.44 17.31 -3.49
CA TYR A 204 33.93 15.94 -3.56
C TYR A 204 32.81 15.90 -4.59
N TRP A 205 33.08 15.26 -5.72
CA TRP A 205 32.12 15.14 -6.82
C TRP A 205 31.57 13.73 -6.92
N VAL A 206 30.32 13.64 -7.38
CA VAL A 206 29.70 12.38 -7.76
C VAL A 206 29.15 12.55 -9.17
N THR A 207 29.50 11.62 -10.07
CA THR A 207 28.96 11.70 -11.42
C THR A 207 27.51 11.26 -11.45
N PHE A 208 27.23 10.04 -11.00
CA PHE A 208 25.90 9.46 -11.08
C PHE A 208 25.49 8.92 -9.71
N ASN A 209 24.19 9.01 -9.43
CA ASN A 209 23.58 8.34 -8.30
C ASN A 209 22.88 7.09 -8.82
N GLU A 210 23.29 5.94 -8.32
CA GLU A 210 22.68 4.65 -8.67
C GLU A 210 22.47 4.50 -10.17
N PRO A 211 23.54 4.51 -10.97
CA PRO A 211 23.37 4.38 -12.42
C PRO A 211 22.77 3.06 -12.84
N MET A 212 23.00 2.00 -12.07
CA MET A 212 22.42 0.71 -12.39
C MET A 212 20.93 0.66 -12.09
N VAL A 213 20.44 1.55 -11.23
CA VAL A 213 19.00 1.64 -11.02
C VAL A 213 18.32 2.28 -12.22
N VAL A 214 18.92 3.34 -12.77
CA VAL A 214 18.36 4.01 -13.95
C VAL A 214 18.16 3.02 -15.09
N THR A 215 19.13 2.12 -15.28
CA THR A 215 19.09 1.23 -16.44
C THR A 215 18.20 0.01 -16.19
N GLU A 216 18.35 -0.63 -15.01
CA GLU A 216 17.50 -1.77 -14.68
C GLU A 216 16.03 -1.35 -14.62
N ALA A 217 15.73 -0.30 -13.86
CA ALA A 217 14.36 0.16 -13.72
C ALA A 217 13.80 0.72 -15.02
N GLY A 218 14.65 1.33 -15.84
CA GLY A 218 14.18 1.93 -17.06
C GLY A 218 13.89 0.94 -18.17
N TYR A 219 14.62 -0.18 -18.21
CA TYR A 219 14.61 -1.04 -19.38
C TYR A 219 14.43 -2.52 -19.09
N PHE A 220 14.27 -2.94 -17.83
CA PHE A 220 14.10 -4.35 -17.55
C PHE A 220 13.16 -4.66 -16.39
N GLN A 221 12.65 -3.65 -15.67
CA GLN A 221 11.74 -3.87 -14.54
C GLN A 221 10.63 -2.83 -14.58
N PRO A 222 9.63 -3.01 -15.46
CA PRO A 222 8.55 -2.03 -15.53
C PRO A 222 7.71 -1.94 -14.28
N GLU A 223 7.72 -2.96 -13.42
CA GLU A 223 6.90 -2.94 -12.22
C GLU A 223 7.30 -1.82 -11.28
N VAL A 224 8.58 -1.41 -11.30
CA VAL A 224 9.06 -0.41 -10.34
C VAL A 224 8.62 1.00 -10.70
N GLY A 225 8.12 1.23 -11.91
CA GLY A 225 7.52 2.50 -12.25
C GLY A 225 8.47 3.60 -12.68
N PHE A 226 9.62 3.23 -13.28
CA PHE A 226 10.61 4.19 -13.77
C PHE A 226 10.49 4.35 -15.29
N PRO A 227 10.88 5.53 -15.82
CA PRO A 227 10.86 5.78 -17.27
C PRO A 227 12.04 5.13 -17.98
N PRO A 228 11.84 4.68 -19.23
CA PRO A 228 10.58 4.71 -20.00
C PRO A 228 9.69 3.50 -19.73
N GLY A 229 10.05 2.70 -18.73
CA GLY A 229 9.21 1.59 -18.33
C GLY A 229 9.07 0.50 -19.37
N LEU A 230 10.15 0.13 -20.03
CA LEU A 230 10.15 -0.90 -21.06
C LEU A 230 10.85 -2.15 -20.55
N ARG A 231 10.71 -3.24 -21.30
CA ARG A 231 11.50 -4.46 -21.09
C ARG A 231 12.13 -4.81 -22.43
N ASN A 232 13.33 -4.27 -22.66
CA ASN A 232 14.09 -4.48 -23.89
C ASN A 232 15.53 -4.81 -23.49
N ILE A 233 15.94 -6.05 -23.74
CA ILE A 233 17.22 -6.53 -23.26
C ILE A 233 18.37 -5.77 -23.91
N SER A 234 18.30 -5.56 -25.23
CA SER A 234 19.39 -4.87 -25.92
C SER A 234 19.46 -3.40 -25.53
N ALA A 235 18.30 -2.80 -25.22
CA ALA A 235 18.32 -1.42 -24.73
C ALA A 235 18.89 -1.32 -23.33
N PHE A 236 18.68 -2.35 -22.50
CA PHE A 236 19.24 -2.36 -21.16
C PHE A 236 20.76 -2.41 -21.22
N LYS A 237 21.30 -3.31 -22.04
CA LYS A 237 22.75 -3.43 -22.14
C LYS A 237 23.38 -2.18 -22.76
N THR A 238 22.70 -1.58 -23.73
CA THR A 238 23.22 -0.36 -24.35
C THR A 238 23.27 0.79 -23.35
N ALA A 239 22.20 0.97 -22.57
CA ALA A 239 22.17 2.05 -21.59
C ALA A 239 23.24 1.86 -20.52
N CYS A 240 23.43 0.62 -20.06
CA CYS A 240 24.49 0.34 -19.09
C CYS A 240 25.85 0.75 -19.63
N LEU A 241 26.18 0.32 -20.85
CA LEU A 241 27.44 0.70 -21.45
C LEU A 241 27.58 2.20 -21.59
N ASN A 242 26.50 2.87 -22.02
CA ASN A 242 26.55 4.31 -22.27
C ASN A 242 26.70 5.10 -20.98
N ILE A 243 25.95 4.74 -19.93
CA ILE A 243 26.05 5.51 -18.70
C ILE A 243 27.39 5.26 -18.01
N ALA A 244 27.93 4.04 -18.13
CA ALA A 244 29.27 3.77 -17.63
C ALA A 244 30.31 4.53 -18.44
N ASN A 245 30.15 4.54 -19.77
CA ASN A 245 31.01 5.34 -20.63
C ASN A 245 30.95 6.81 -20.23
N ALA A 246 29.75 7.31 -19.92
CA ALA A 246 29.59 8.72 -19.58
C ALA A 246 30.35 9.07 -18.30
N HIS A 247 30.34 8.17 -17.32
CA HIS A 247 31.07 8.43 -16.08
C HIS A 247 32.55 8.65 -16.36
N VAL A 248 33.14 7.81 -17.20
CA VAL A 248 34.58 7.88 -17.44
C VAL A 248 34.97 9.23 -18.04
N VAL A 249 34.25 9.65 -19.09
CA VAL A 249 34.61 10.89 -19.77
C VAL A 249 34.31 12.09 -18.88
N ALA A 250 33.27 12.01 -18.05
CA ALA A 250 33.02 13.11 -17.11
C ALA A 250 34.07 13.14 -16.00
N TYR A 251 34.55 11.98 -15.58
CA TYR A 251 35.63 11.91 -14.59
C TYR A 251 36.83 12.72 -15.06
N ASP A 252 37.26 12.50 -16.31
CA ASP A 252 38.43 13.21 -16.83
C ASP A 252 38.15 14.69 -17.02
N LEU A 253 36.92 15.04 -17.45
CA LEU A 253 36.59 16.44 -17.67
C LEU A 253 36.47 17.20 -16.36
N ILE A 254 35.95 16.55 -15.31
CA ILE A 254 35.92 17.18 -14.00
C ILE A 254 37.34 17.42 -13.49
N LYS A 255 38.23 16.43 -13.69
CA LYS A 255 39.61 16.59 -13.28
C LYS A 255 40.30 17.73 -14.03
N LYS A 256 39.86 18.00 -15.26
CA LYS A 256 40.49 19.05 -16.05
C LYS A 256 40.04 20.44 -15.63
N TYR A 257 38.76 20.61 -15.32
CA TYR A 257 38.19 21.93 -15.09
C TYR A 257 37.95 22.23 -13.62
N ASP A 258 38.25 21.30 -12.72
CA ASP A 258 38.27 21.56 -11.28
C ASP A 258 39.70 21.34 -10.81
N LYS A 259 40.48 22.42 -10.74
CA LYS A 259 41.84 22.38 -10.24
C LYS A 259 42.02 23.17 -8.95
N VAL A 260 40.92 23.56 -8.31
CA VAL A 260 40.95 24.37 -7.09
C VAL A 260 40.56 23.50 -5.91
N ARG A 261 41.41 23.49 -4.88
CA ARG A 261 41.08 22.83 -3.62
C ARG A 261 40.23 23.78 -2.79
N ALA A 262 38.93 23.50 -2.70
CA ALA A 262 38.05 24.33 -1.90
C ALA A 262 38.36 24.20 -0.41
N ASP A 263 38.71 22.99 0.03
CA ASP A 263 39.11 22.73 1.40
C ASP A 263 40.53 22.21 1.40
N ASP A 264 41.37 22.80 2.26
CA ASP A 264 42.78 22.40 2.30
C ASP A 264 42.94 20.92 2.63
N ASP A 265 42.00 20.35 3.39
CA ASP A 265 42.10 18.94 3.79
C ASP A 265 41.77 17.98 2.65
N SER A 266 41.14 18.45 1.57
CA SER A 266 40.64 17.56 0.54
C SER A 266 41.78 16.75 -0.06
N PRO A 267 41.57 15.46 -0.34
CA PRO A 267 42.65 14.64 -0.91
C PRO A 267 43.11 15.14 -2.27
N SER A 268 42.24 15.80 -3.02
CA SER A 268 42.65 16.47 -4.25
C SER A 268 41.59 17.51 -4.60
N ALA A 269 41.92 18.35 -5.59
CA ALA A 269 41.01 19.42 -5.98
C ALA A 269 39.73 18.88 -6.59
N ALA A 270 39.79 17.75 -7.28
CA ALA A 270 38.63 17.10 -7.88
C ALA A 270 38.65 15.64 -7.46
N TYR A 271 37.93 15.31 -6.39
CA TYR A 271 37.87 13.96 -5.85
C TYR A 271 36.56 13.34 -6.32
N VAL A 272 36.63 12.57 -7.39
CA VAL A 272 35.45 12.19 -8.17
C VAL A 272 35.07 10.75 -7.83
N GLY A 273 33.85 10.57 -7.37
CA GLY A 273 33.33 9.24 -7.10
C GLY A 273 32.03 8.95 -7.79
N ILE A 274 31.40 7.85 -7.42
CA ILE A 274 30.10 7.45 -7.95
C ILE A 274 29.30 6.86 -6.80
N VAL A 275 28.00 7.12 -6.78
CA VAL A 275 27.10 6.57 -5.77
C VAL A 275 26.47 5.31 -6.35
N HIS A 276 26.67 4.18 -5.68
CA HIS A 276 26.30 2.88 -6.20
C HIS A 276 25.53 2.13 -5.13
N ASN A 277 24.33 1.65 -5.46
CA ASN A 277 23.51 0.93 -4.49
C ASN A 277 23.90 -0.54 -4.53
N ILE A 278 24.44 -1.03 -3.43
CA ILE A 278 24.97 -2.39 -3.33
C ILE A 278 23.96 -3.24 -2.58
N VAL A 279 23.60 -4.37 -3.18
CA VAL A 279 22.63 -5.27 -2.56
C VAL A 279 23.30 -6.60 -2.28
N PRO A 280 23.56 -6.93 -1.02
CA PRO A 280 24.07 -8.28 -0.70
C PRO A 280 23.06 -9.32 -1.14
N ILE A 281 23.51 -10.26 -1.97
CA ILE A 281 22.66 -11.32 -2.47
C ILE A 281 22.93 -12.58 -1.67
N LYS A 282 21.87 -13.14 -1.10
CA LYS A 282 21.97 -14.32 -0.23
C LYS A 282 21.28 -15.49 -0.91
N PRO A 283 22.01 -16.53 -1.32
CA PRO A 283 21.35 -17.70 -1.89
C PRO A 283 20.49 -18.41 -0.87
N TYR A 284 19.28 -18.78 -1.27
CA TYR A 284 18.34 -19.41 -0.35
C TYR A 284 18.88 -20.72 0.19
N SER A 285 19.66 -21.45 -0.60
CA SER A 285 20.32 -22.67 -0.19
C SER A 285 21.67 -22.73 -0.89
N GLU A 286 22.39 -23.84 -0.72
CA GLU A 286 23.67 -24.05 -1.39
C GLU A 286 23.52 -24.92 -2.64
N ARG A 287 22.29 -25.13 -3.09
CA ARG A 287 22.04 -25.76 -4.37
C ARG A 287 22.63 -24.93 -5.51
N LYS A 288 23.19 -25.63 -6.49
CA LYS A 288 23.58 -25.11 -7.80
C LYS A 288 22.70 -23.95 -8.27
N LEU A 289 21.42 -24.23 -8.54
CA LEU A 289 20.53 -23.22 -9.11
C LEU A 289 20.54 -21.94 -8.28
N ASP A 290 20.39 -22.08 -6.95
CA ASP A 290 20.35 -20.91 -6.08
C ASP A 290 21.69 -20.21 -6.04
N LEU A 291 22.79 -20.97 -5.98
CA LEU A 291 24.11 -20.35 -5.99
C LEU A 291 24.38 -19.66 -7.32
N LYS A 292 23.95 -20.27 -8.43
CA LYS A 292 24.19 -19.69 -9.74
C LYS A 292 23.39 -18.40 -9.94
N ALA A 293 22.15 -18.38 -9.45
CA ALA A 293 21.34 -17.16 -9.55
C ALA A 293 21.92 -16.04 -8.70
N ALA A 294 22.39 -16.36 -7.49
CA ALA A 294 22.97 -15.35 -6.62
C ALA A 294 24.23 -14.76 -7.23
N ASP A 295 25.12 -15.62 -7.74
CA ASP A 295 26.36 -15.15 -8.35
C ASP A 295 26.07 -14.22 -9.51
N LEU A 296 25.11 -14.59 -10.37
CA LEU A 296 24.81 -13.79 -11.55
C LEU A 296 24.23 -12.43 -11.16
N MET A 297 23.25 -12.41 -10.26
CA MET A 297 22.64 -11.14 -9.86
C MET A 297 23.65 -10.25 -9.14
N ASN A 298 24.53 -10.86 -8.34
CA ASN A 298 25.59 -10.08 -7.70
C ASN A 298 26.52 -9.48 -8.74
N TYR A 299 26.82 -10.24 -9.80
CA TYR A 299 27.72 -9.74 -10.83
C TYR A 299 27.10 -8.55 -11.57
N ILE A 300 25.83 -8.67 -11.97
CA ILE A 300 25.22 -7.66 -12.83
C ILE A 300 24.98 -6.37 -12.06
N HIS A 301 24.38 -6.47 -10.88
CA HIS A 301 24.02 -5.24 -10.17
C HIS A 301 25.20 -4.67 -9.37
N ASN A 302 25.93 -5.52 -8.64
CA ASN A 302 26.95 -5.01 -7.75
C ASN A 302 28.29 -4.79 -8.43
N LYS A 303 28.74 -5.74 -9.26
CA LYS A 303 30.13 -5.75 -9.71
C LYS A 303 30.33 -5.21 -11.11
N TRP A 304 29.32 -5.30 -11.98
CA TRP A 304 29.53 -5.01 -13.41
C TRP A 304 30.04 -3.60 -13.63
N ILE A 305 29.37 -2.60 -13.03
CA ILE A 305 29.73 -1.21 -13.26
C ILE A 305 31.13 -0.92 -12.73
N LEU A 306 31.52 -1.55 -11.62
CA LEU A 306 32.83 -1.29 -11.03
C LEU A 306 33.95 -1.93 -11.83
N GLU A 307 33.72 -3.11 -12.42
CA GLU A 307 34.69 -3.67 -13.36
C GLU A 307 34.91 -2.71 -14.53
N PHE A 308 33.85 -2.03 -14.96
CA PHE A 308 33.96 -1.07 -16.05
C PHE A 308 34.83 0.13 -15.66
N ILE A 309 34.44 0.84 -14.60
CA ILE A 309 35.06 2.13 -14.32
C ILE A 309 36.32 2.04 -13.46
N VAL A 310 36.51 0.97 -12.70
CA VAL A 310 37.71 0.80 -11.87
C VAL A 310 38.76 -0.05 -12.57
N ARG A 311 38.34 -1.19 -13.14
CA ARG A 311 39.28 -2.08 -13.81
C ARG A 311 39.41 -1.80 -15.30
N GLY A 312 38.49 -1.02 -15.89
CA GLY A 312 38.49 -0.86 -17.32
C GLY A 312 38.04 -2.07 -18.10
N LYS A 313 37.41 -3.04 -17.44
CA LYS A 313 36.97 -4.28 -18.07
C LYS A 313 35.50 -4.15 -18.45
N ILE A 314 35.21 -4.29 -19.74
CA ILE A 314 33.86 -4.10 -20.27
C ILE A 314 33.30 -5.47 -20.67
N ASP A 315 32.07 -5.74 -20.22
CA ASP A 315 31.36 -6.97 -20.53
C ASP A 315 30.03 -6.58 -21.16
N ARG A 316 30.02 -6.49 -22.49
CA ARG A 316 28.83 -6.06 -23.22
C ARG A 316 27.68 -7.05 -23.09
N SER A 317 27.94 -8.28 -22.68
CA SER A 317 26.88 -9.26 -22.52
C SER A 317 26.15 -9.12 -21.19
N LEU A 318 26.74 -8.41 -20.23
CA LEU A 318 26.16 -8.17 -18.92
C LEU A 318 26.00 -9.45 -18.09
N VAL A 319 26.41 -10.59 -18.64
CA VAL A 319 26.28 -11.87 -17.93
C VAL A 319 27.63 -12.57 -17.76
N GLY A 320 28.73 -11.88 -18.02
CA GLY A 320 30.04 -12.43 -17.77
C GLY A 320 30.60 -13.33 -18.85
N ARG A 321 30.07 -13.26 -20.07
CA ARG A 321 30.56 -14.09 -21.17
C ARG A 321 31.59 -13.40 -22.04
N GLU A 322 31.83 -12.10 -21.84
CA GLU A 322 32.79 -11.37 -22.66
C GLU A 322 33.61 -10.45 -21.76
N LYS A 323 34.86 -10.24 -22.16
CA LYS A 323 35.73 -9.25 -21.51
C LYS A 323 36.52 -8.51 -22.56
N TYR A 324 36.41 -7.18 -22.54
CA TYR A 324 37.16 -6.31 -23.42
C TYR A 324 37.73 -5.18 -22.56
N LEU A 325 39.04 -4.97 -22.63
CA LEU A 325 39.71 -4.01 -21.77
C LEU A 325 40.03 -2.74 -22.55
N ILE A 326 39.70 -1.59 -21.96
CA ILE A 326 40.14 -0.29 -22.45
C ILE A 326 41.06 0.30 -21.39
N ASP A 327 42.34 0.42 -21.72
CA ASP A 327 43.31 0.96 -20.76
C ASP A 327 42.94 2.37 -20.33
N LYS A 328 42.34 3.15 -21.23
CA LYS A 328 41.95 4.52 -20.89
C LYS A 328 40.80 4.58 -19.91
N PHE A 329 40.09 3.48 -19.67
CA PHE A 329 39.01 3.44 -18.69
C PHE A 329 39.48 2.95 -17.32
N LYS A 330 40.75 2.57 -17.19
CA LYS A 330 41.23 1.99 -15.93
C LYS A 330 41.33 3.05 -14.85
N ASP A 331 40.96 2.66 -13.62
CA ASP A 331 41.20 3.46 -12.43
C ASP A 331 40.50 4.82 -12.50
N LYS A 332 39.30 4.84 -13.08
CA LYS A 332 38.55 6.08 -13.26
C LYS A 332 37.55 6.27 -12.11
N LEU A 333 38.08 6.23 -10.89
CA LEU A 333 37.25 6.40 -9.70
C LEU A 333 38.16 6.70 -8.52
N ASP A 334 37.84 7.76 -7.77
CA ASP A 334 38.64 8.14 -6.61
C ASP A 334 38.08 7.56 -5.31
N TRP A 335 36.76 7.51 -5.18
CA TRP A 335 36.11 6.96 -4.00
C TRP A 335 34.75 6.41 -4.42
N LEU A 336 34.16 5.58 -3.57
CA LEU A 336 32.91 4.90 -3.88
C LEU A 336 31.88 5.21 -2.82
N GLY A 337 30.70 5.66 -3.24
CA GLY A 337 29.59 5.90 -2.35
C GLY A 337 28.66 4.71 -2.36
N VAL A 338 28.44 4.13 -1.18
CA VAL A 338 27.68 2.89 -1.03
C VAL A 338 26.30 3.24 -0.49
N ASN A 339 25.27 3.01 -1.30
CA ASN A 339 23.90 3.03 -0.83
C ASN A 339 23.50 1.63 -0.40
N TYR A 340 23.01 1.50 0.83
CA TYR A 340 22.52 0.23 1.33
C TYR A 340 21.19 0.42 2.00
N TYR A 341 20.21 -0.38 1.59
CA TYR A 341 18.90 -0.40 2.23
C TYR A 341 18.55 -1.77 2.80
N THR A 342 18.71 -2.83 2.01
CA THR A 342 18.47 -4.19 2.51
C THR A 342 19.08 -5.18 1.52
N ARG A 343 18.92 -6.47 1.84
CA ARG A 343 19.49 -7.57 1.08
C ARG A 343 18.44 -8.17 0.14
N ILE A 344 18.85 -9.19 -0.59
CA ILE A 344 17.95 -9.99 -1.41
C ILE A 344 18.25 -11.46 -1.14
N VAL A 345 17.20 -12.24 -0.88
CA VAL A 345 17.28 -13.69 -0.81
C VAL A 345 16.63 -14.25 -2.06
N LEU A 346 17.37 -15.09 -2.77
CA LEU A 346 17.00 -15.54 -4.12
C LEU A 346 17.01 -17.06 -4.18
N LYS A 347 16.20 -17.60 -5.09
CA LYS A 347 16.38 -18.95 -5.59
C LYS A 347 16.72 -18.89 -7.08
N GLY A 348 17.28 -20.00 -7.58
CA GLY A 348 17.55 -20.16 -9.00
C GLY A 348 16.46 -21.00 -9.65
N LYS A 349 16.09 -20.62 -10.88
CA LYS A 349 15.00 -21.27 -11.60
C LYS A 349 15.50 -21.80 -12.94
N TRP A 350 15.04 -22.99 -13.30
CA TRP A 350 15.43 -23.65 -14.54
C TRP A 350 14.71 -23.00 -15.72
N VAL A 351 15.47 -22.41 -16.63
CA VAL A 351 14.89 -21.75 -17.81
C VAL A 351 15.74 -21.98 -19.05
N PRO A 359 19.53 -19.34 -18.91
CA PRO A 359 19.59 -20.72 -18.38
C PRO A 359 19.01 -20.82 -16.96
N VAL A 360 19.60 -20.12 -15.99
CA VAL A 360 18.97 -19.92 -14.70
C VAL A 360 18.64 -18.44 -14.55
N ILE A 361 17.60 -18.16 -13.77
CA ILE A 361 17.09 -16.80 -13.63
C ILE A 361 16.74 -16.59 -12.16
N PRO A 362 16.98 -15.40 -11.60
CA PRO A 362 16.55 -15.14 -10.23
C PRO A 362 15.06 -15.36 -10.04
N ASP A 363 14.70 -15.97 -8.91
CA ASP A 363 13.31 -16.14 -8.50
C ASP A 363 12.87 -15.08 -7.50
N ILE A 364 13.67 -14.85 -6.45
CA ILE A 364 13.44 -13.88 -5.37
C ILE A 364 12.48 -14.47 -4.34
N VAL A 365 12.99 -14.76 -3.15
CA VAL A 365 12.20 -15.36 -2.07
C VAL A 365 11.57 -14.26 -1.23
N LYS A 366 10.28 -14.39 -0.96
CA LYS A 366 9.56 -13.40 -0.19
C LYS A 366 9.63 -13.70 1.30
N GLY A 367 9.47 -12.66 2.10
CA GLY A 367 9.73 -12.72 3.52
C GLY A 367 11.11 -12.26 3.91
N TYR A 368 11.93 -11.84 2.95
CA TYR A 368 13.27 -11.32 3.21
C TYR A 368 13.53 -10.14 2.30
N GLY A 369 14.37 -9.22 2.77
CA GLY A 369 14.90 -8.18 1.90
C GLY A 369 13.83 -7.21 1.43
N PHE A 370 13.81 -6.95 0.11
CA PHE A 370 12.91 -5.97 -0.48
C PHE A 370 11.47 -6.48 -0.61
N ASN A 371 11.21 -7.74 -0.30
CA ASN A 371 9.89 -8.31 -0.55
C ASN A 371 9.24 -8.86 0.72
N CYS A 372 8.99 -7.99 1.69
CA CYS A 372 8.36 -8.36 2.95
C CYS A 372 7.02 -7.63 3.09
N THR A 373 6.29 -8.01 4.12
CA THR A 373 4.98 -7.40 4.41
C THR A 373 5.18 -6.03 5.03
N PRO A 374 4.71 -4.95 4.39
CA PRO A 374 4.86 -3.61 4.98
C PRO A 374 4.23 -3.56 6.36
N GLY A 375 4.98 -3.03 7.33
CA GLY A 375 4.53 -2.99 8.69
C GLY A 375 4.53 -4.32 9.41
N GLY A 376 4.94 -5.40 8.75
CA GLY A 376 4.96 -6.73 9.33
C GLY A 376 6.33 -7.13 9.81
N ARG A 377 6.57 -8.44 9.83
CA ARG A 377 7.82 -9.02 10.30
C ARG A 377 8.38 -9.92 9.23
N SER A 378 9.70 -9.81 9.00
CA SER A 378 10.33 -10.70 8.04
C SER A 378 10.48 -12.09 8.65
N LEU A 379 10.76 -13.06 7.78
CA LEU A 379 10.95 -14.44 8.22
C LEU A 379 12.22 -14.61 9.06
N ASP A 380 13.07 -13.59 9.13
CA ASP A 380 14.21 -13.59 10.04
C ASP A 380 13.95 -12.80 11.31
N GLY A 381 12.68 -12.47 11.58
CA GLY A 381 12.32 -11.77 12.80
C GLY A 381 12.65 -10.30 12.81
N MET A 382 12.86 -9.70 11.65
CA MET A 382 13.24 -8.29 11.58
C MET A 382 12.04 -7.42 11.25
N PRO A 383 12.02 -6.18 11.73
CA PRO A 383 10.95 -5.26 11.34
C PRO A 383 11.01 -4.94 9.86
N VAL A 384 9.88 -4.46 9.35
CA VAL A 384 9.72 -4.17 7.92
C VAL A 384 9.20 -2.75 7.75
N SER A 385 9.79 -2.01 6.81
CA SER A 385 9.45 -0.62 6.58
C SER A 385 8.06 -0.50 5.95
N ASP A 386 7.62 0.75 5.76
CA ASP A 386 6.40 1.02 5.01
C ASP A 386 6.56 0.65 3.55
N PHE A 387 7.79 0.53 3.05
CA PHE A 387 8.05 0.11 1.69
C PHE A 387 8.01 -1.41 1.53
N GLY A 388 7.88 -2.15 2.62
CA GLY A 388 8.01 -3.59 2.56
C GLY A 388 9.44 -4.08 2.60
N TRP A 389 10.37 -3.29 3.12
CA TRP A 389 11.78 -3.61 3.10
C TRP A 389 12.23 -4.09 4.47
N GLU A 390 12.99 -5.17 4.50
CA GLU A 390 13.46 -5.76 5.74
C GLU A 390 14.57 -4.92 6.35
N VAL A 391 14.48 -4.66 7.65
CA VAL A 391 15.57 -4.01 8.38
C VAL A 391 16.62 -5.08 8.65
N TYR A 392 17.74 -5.02 7.93
CA TYR A 392 18.79 -6.03 8.00
C TYR A 392 20.12 -5.33 8.21
N PRO A 393 20.45 -4.98 9.46
CA PRO A 393 21.65 -4.17 9.70
C PRO A 393 22.95 -4.88 9.38
N GLN A 394 23.00 -6.20 9.51
CA GLN A 394 24.22 -6.92 9.17
C GLN A 394 24.57 -6.79 7.69
N GLY A 395 23.55 -6.70 6.83
CA GLY A 395 23.78 -6.53 5.41
C GLY A 395 24.61 -5.30 5.07
N LEU A 396 24.62 -4.30 5.94
CA LEU A 396 25.50 -3.16 5.75
C LEU A 396 26.95 -3.60 5.68
N SER A 397 27.35 -4.48 6.60
CA SER A 397 28.71 -5.01 6.56
C SER A 397 28.96 -5.85 5.32
N ASP A 398 27.95 -6.64 4.92
CA ASP A 398 28.08 -7.41 3.68
C ASP A 398 28.23 -6.50 2.46
N ALA A 399 27.46 -5.41 2.43
CA ALA A 399 27.52 -4.50 1.29
C ALA A 399 28.89 -3.83 1.20
N LEU A 400 29.48 -3.47 2.34
CA LEU A 400 30.78 -2.82 2.33
C LEU A 400 31.89 -3.80 1.97
N ASP A 401 31.74 -5.08 2.33
CA ASP A 401 32.72 -6.08 1.91
C ASP A 401 32.74 -6.24 0.40
N ILE A 402 31.57 -6.28 -0.22
CA ILE A 402 31.50 -6.32 -1.69
C ILE A 402 32.14 -5.08 -2.28
N ALA A 403 31.84 -3.91 -1.72
CA ALA A 403 32.42 -2.67 -2.21
C ALA A 403 33.93 -2.63 -2.01
N SER A 404 34.42 -3.23 -0.93
CA SER A 404 35.84 -3.14 -0.60
C SER A 404 36.74 -3.87 -1.59
N GLU A 405 36.17 -4.75 -2.42
CA GLU A 405 36.99 -5.50 -3.37
C GLU A 405 37.69 -4.57 -4.36
N TYR A 406 37.11 -3.41 -4.63
CA TYR A 406 37.61 -2.52 -5.68
C TYR A 406 38.60 -1.48 -5.16
N GLY A 407 38.97 -1.55 -3.89
CA GLY A 407 40.12 -0.84 -3.38
C GLY A 407 40.01 0.67 -3.30
N LYS A 408 38.80 1.22 -3.39
CA LYS A 408 38.64 2.66 -3.27
C LYS A 408 38.05 3.01 -1.90
N PRO A 409 38.40 4.18 -1.35
CA PRO A 409 37.81 4.58 -0.07
C PRO A 409 36.30 4.65 -0.18
N LEU A 410 35.63 4.23 0.88
CA LEU A 410 34.18 4.12 0.90
C LEU A 410 33.56 5.19 1.77
N ILE A 411 32.37 5.63 1.37
CA ILE A 411 31.49 6.45 2.20
C ILE A 411 30.09 5.89 2.04
N VAL A 412 29.38 5.70 3.15
CA VAL A 412 27.97 5.32 3.09
C VAL A 412 27.18 6.56 2.72
N THR A 413 26.69 6.61 1.48
CA THR A 413 26.06 7.81 0.96
C THR A 413 24.53 7.78 1.04
N GLU A 414 23.92 6.62 1.21
CA GLU A 414 22.49 6.54 1.51
C GLU A 414 22.24 5.37 2.43
N ASN A 415 21.39 5.60 3.43
CA ASN A 415 20.96 4.58 4.37
C ASN A 415 19.78 5.14 5.15
N GLY A 416 18.61 4.52 5.01
CA GLY A 416 17.42 5.07 5.62
C GLY A 416 16.26 4.11 5.44
N ILE A 417 15.09 4.55 5.92
CA ILE A 417 13.93 3.66 6.01
C ILE A 417 12.67 4.49 5.77
N ALA A 418 11.72 3.89 5.05
CA ALA A 418 10.39 4.47 4.92
C ALA A 418 9.60 4.15 6.18
N ASP A 419 9.36 5.17 7.01
CA ASP A 419 8.69 4.97 8.30
C ASP A 419 8.05 6.30 8.68
N SER A 420 6.77 6.47 8.30
CA SER A 420 6.09 7.75 8.47
C SER A 420 5.81 8.07 9.93
N GLU A 421 5.82 7.07 10.81
CA GLU A 421 5.54 7.30 12.22
C GLU A 421 6.76 7.17 13.11
N ASP A 422 7.92 6.83 12.54
CA ASP A 422 9.22 6.90 13.21
C ASP A 422 9.33 5.90 14.35
N ASN A 423 8.62 4.78 14.29
CA ASN A 423 8.72 3.79 15.35
C ASN A 423 9.73 2.68 15.04
N ILE A 424 10.39 2.73 13.89
CA ILE A 424 11.43 1.75 13.55
C ILE A 424 12.75 2.47 13.30
N ARG A 425 12.68 3.72 12.85
CA ARG A 425 13.88 4.44 12.46
C ARG A 425 14.90 4.61 13.60
N PRO A 426 14.51 4.87 14.86
CA PRO A 426 15.54 4.90 15.92
C PRO A 426 16.32 3.61 16.05
N TYR A 427 15.64 2.46 16.08
CA TYR A 427 16.35 1.18 16.08
C TYR A 427 17.15 1.00 14.79
N PHE A 428 16.58 1.44 13.67
CA PHE A 428 17.29 1.38 12.39
C PHE A 428 18.63 2.11 12.48
N LEU A 429 18.63 3.29 13.09
CA LEU A 429 19.86 4.05 13.26
C LEU A 429 20.81 3.35 14.23
N VAL A 430 20.29 2.89 15.36
CA VAL A 430 21.16 2.29 16.39
C VAL A 430 21.78 1.00 15.88
N SER A 431 20.97 0.13 15.27
CA SER A 431 21.49 -1.16 14.82
C SER A 431 22.47 -0.99 13.66
N HIS A 432 22.14 -0.13 12.70
CA HIS A 432 23.03 0.03 11.54
C HIS A 432 24.34 0.71 11.93
N LEU A 433 24.28 1.70 12.82
CA LEU A 433 25.51 2.40 13.20
C LEU A 433 26.38 1.58 14.12
N LYS A 434 25.79 0.65 14.89
CA LYS A 434 26.59 -0.32 15.63
C LYS A 434 27.43 -1.16 14.68
N VAL A 435 26.79 -1.68 13.63
CA VAL A 435 27.51 -2.46 12.61
C VAL A 435 28.59 -1.59 11.95
N LEU A 436 28.26 -0.34 11.66
CA LEU A 436 29.22 0.55 11.01
C LEU A 436 30.40 0.86 11.92
N GLU A 437 30.13 1.09 13.21
CA GLU A 437 31.20 1.43 14.14
C GLU A 437 32.24 0.33 14.23
N GLU A 438 31.78 -0.92 14.36
CA GLU A 438 32.71 -2.03 14.38
C GLU A 438 33.40 -2.20 13.03
N TYR A 439 32.67 -1.96 11.94
CA TYR A 439 33.28 -2.07 10.61
C TYR A 439 34.39 -1.06 10.42
N VAL A 440 34.18 0.18 10.88
CA VAL A 440 35.20 1.22 10.70
C VAL A 440 36.46 0.88 11.49
N GLU A 441 36.30 0.37 12.70
CA GLU A 441 37.47 0.00 13.47
C GLU A 441 38.18 -1.21 12.87
N LYS A 442 37.43 -2.14 12.28
CA LYS A 442 38.03 -3.38 11.80
C LYS A 442 38.74 -3.18 10.46
N LYS A 443 38.02 -2.69 9.45
CA LYS A 443 38.54 -2.57 8.10
C LYS A 443 39.11 -1.18 7.80
N LYS A 444 38.58 -0.14 8.44
CA LYS A 444 39.14 1.22 8.37
C LYS A 444 39.17 1.78 6.96
N ASN A 445 38.18 1.44 6.12
CA ASN A 445 38.12 1.98 4.77
C ASN A 445 36.81 2.69 4.46
N VAL A 446 36.00 2.98 5.49
CA VAL A 446 34.76 3.74 5.33
C VAL A 446 34.92 5.05 6.10
N TYR A 447 34.55 6.16 5.46
CA TYR A 447 34.92 7.48 5.97
C TYR A 447 33.72 8.39 6.23
N GLY A 448 32.50 7.90 6.08
CA GLY A 448 31.34 8.75 6.31
C GLY A 448 30.05 7.98 6.28
N TYR A 449 29.01 8.61 6.82
CA TYR A 449 27.66 8.03 6.83
C TYR A 449 26.67 9.15 6.48
N LEU A 450 26.00 9.00 5.35
CA LEU A 450 24.99 9.96 4.89
C LEU A 450 23.63 9.28 4.94
N HIS A 451 22.75 9.76 5.81
CA HIS A 451 21.44 9.18 5.99
C HIS A 451 20.47 9.67 4.91
N TRP A 452 19.56 8.79 4.52
CA TRP A 452 18.47 9.20 3.63
C TRP A 452 17.13 9.12 4.36
N ALA A 453 16.57 10.28 4.71
CA ALA A 453 17.17 11.58 4.44
C ALA A 453 16.96 12.50 5.64
N LEU A 454 17.39 13.75 5.49
CA LEU A 454 17.12 14.74 6.53
C LEU A 454 15.63 14.99 6.69
N THR A 455 14.91 15.11 5.58
CA THR A 455 13.49 15.41 5.58
C THR A 455 12.76 14.44 4.64
N ASP A 456 11.45 14.35 4.84
CA ASP A 456 10.61 13.65 3.88
C ASP A 456 10.71 14.32 2.52
N ASN A 457 10.46 13.54 1.46
CA ASN A 457 10.60 14.06 0.10
C ASN A 457 9.77 13.20 -0.84
N TYR A 458 9.90 13.49 -2.14
CA TYR A 458 9.10 12.87 -3.19
C TYR A 458 9.79 11.58 -3.62
N GLU A 459 9.24 10.43 -3.18
CA GLU A 459 9.88 9.14 -3.42
C GLU A 459 9.45 8.59 -4.78
N TRP A 460 9.89 9.29 -5.83
CA TRP A 460 9.79 8.85 -7.21
C TRP A 460 8.40 8.31 -7.58
N ALA A 461 8.32 7.06 -8.03
CA ALA A 461 7.05 6.50 -8.45
C ALA A 461 6.07 6.33 -7.29
N GLN A 462 6.58 6.23 -6.06
CA GLN A 462 5.72 6.13 -4.89
C GLN A 462 5.18 7.48 -4.42
N GLY A 463 5.72 8.59 -4.94
CA GLY A 463 5.25 9.88 -4.50
C GLY A 463 5.60 10.14 -3.05
N PHE A 464 4.75 10.94 -2.40
CA PHE A 464 5.02 11.40 -1.03
C PHE A 464 4.68 10.36 0.02
N LYS A 465 4.03 9.25 -0.32
CA LYS A 465 3.55 8.33 0.70
C LYS A 465 4.67 7.53 1.36
N MET A 466 5.88 7.55 0.81
CA MET A 466 7.03 6.94 1.47
C MET A 466 7.85 8.04 2.14
N ARG A 467 7.92 8.00 3.47
CA ARG A 467 8.52 9.04 4.29
C ARG A 467 9.85 8.56 4.84
N PHE A 468 10.95 9.08 4.31
CA PHE A 468 12.29 8.67 4.68
C PHE A 468 12.97 9.63 5.65
N GLY A 469 12.32 10.71 6.04
CA GLY A 469 13.02 11.80 6.69
C GLY A 469 13.29 11.57 8.17
N LEU A 470 14.45 12.03 8.62
CA LEU A 470 14.66 12.30 10.04
C LEU A 470 13.76 13.42 10.52
N THR A 471 13.19 14.18 9.59
CA THR A 471 12.27 15.27 9.88
C THR A 471 11.00 15.05 9.08
N ASP A 472 9.85 15.13 9.75
CA ASP A 472 8.58 15.13 9.07
C ASP A 472 8.33 16.49 8.44
N VAL A 473 7.75 16.49 7.23
CA VAL A 473 7.41 17.73 6.53
C VAL A 473 5.93 17.69 6.21
N ASP A 474 5.18 18.67 6.73
CA ASP A 474 3.78 18.85 6.38
C ASP A 474 3.72 19.46 4.98
N LEU A 475 3.22 18.70 4.01
CA LEU A 475 3.22 19.16 2.62
C LEU A 475 2.39 20.42 2.42
N GLU A 476 1.44 20.70 3.31
CA GLU A 476 0.60 21.88 3.13
C GLU A 476 1.34 23.16 3.52
N THR A 477 1.94 23.19 4.71
CA THR A 477 2.64 24.37 5.20
C THR A 477 4.14 24.34 4.95
N LYS A 478 4.68 23.20 4.48
CA LYS A 478 6.12 22.98 4.34
C LYS A 478 6.85 23.06 5.68
N GLU A 479 6.11 22.92 6.78
CA GLU A 479 6.73 22.99 8.10
C GLU A 479 7.53 21.74 8.39
N ARG A 480 8.73 21.93 8.94
CA ARG A 480 9.57 20.82 9.37
C ARG A 480 9.31 20.52 10.85
N LYS A 481 9.03 19.26 11.15
CA LYS A 481 8.89 18.78 12.51
C LYS A 481 9.84 17.62 12.70
N PRO A 482 10.99 17.84 13.34
CA PRO A 482 11.95 16.74 13.54
C PRO A 482 11.33 15.58 14.30
N ARG A 483 11.72 14.38 13.93
CA ARG A 483 11.27 13.17 14.61
C ARG A 483 12.27 12.80 15.71
N GLU A 484 11.83 11.88 16.58
CA GLU A 484 12.71 11.42 17.66
C GLU A 484 14.02 10.86 17.11
N SER A 485 13.96 10.21 15.95
CA SER A 485 15.16 9.61 15.38
C SER A 485 16.22 10.66 15.05
N SER A 486 15.80 11.90 14.78
CA SER A 486 16.77 12.97 14.55
C SER A 486 17.60 13.23 15.80
N GLU A 487 16.98 13.08 16.99
CA GLU A 487 17.75 13.18 18.23
C GLU A 487 18.67 11.98 18.40
N VAL A 488 18.22 10.79 18.02
CA VAL A 488 19.08 9.61 18.04
C VAL A 488 20.29 9.82 17.15
N PHE A 489 20.08 10.40 15.95
CA PHE A 489 21.19 10.75 15.09
C PHE A 489 22.12 11.76 15.75
N LYS A 490 21.55 12.81 16.33
CA LYS A 490 22.33 13.85 17.00
C LYS A 490 23.26 13.24 18.04
N ILE A 491 22.75 12.34 18.87
CA ILE A 491 23.56 11.75 19.94
C ILE A 491 24.74 10.98 19.34
N ILE A 492 24.47 10.17 18.32
CA ILE A 492 25.52 9.32 17.76
C ILE A 492 26.57 10.17 17.05
N ALA A 493 26.13 11.15 16.26
CA ALA A 493 27.07 11.97 15.52
C ALA A 493 27.89 12.86 16.45
N SER A 494 27.27 13.38 17.52
CA SER A 494 27.99 14.28 18.41
C SER A 494 28.95 13.52 19.31
N GLU A 495 28.54 12.36 19.83
CA GLU A 495 29.39 11.58 20.72
C GLU A 495 30.31 10.61 19.99
N LYS A 496 30.14 10.45 18.67
CA LYS A 496 31.03 9.64 17.84
C LYS A 496 31.05 8.18 18.26
N THR A 497 29.95 7.72 18.86
CA THR A 497 29.84 6.33 19.27
C THR A 497 28.36 6.03 19.44
N VAL A 498 28.04 4.74 19.43
CA VAL A 498 26.67 4.30 19.72
C VAL A 498 26.62 3.96 21.20
N PRO A 499 26.11 4.84 22.05
CA PRO A 499 26.09 4.56 23.49
C PRO A 499 25.21 3.35 23.79
N GLU A 500 25.64 2.54 24.76
CA GLU A 500 24.85 1.39 25.17
C GLU A 500 23.47 1.81 25.68
N GLU A 501 23.33 3.05 26.15
CA GLU A 501 22.01 3.56 26.50
C GLU A 501 21.06 3.49 25.31
N LEU A 502 21.53 3.98 24.15
CA LEU A 502 20.69 3.95 22.96
C LEU A 502 20.39 2.52 22.54
N VAL A 503 21.34 1.61 22.73
CA VAL A 503 21.11 0.21 22.40
C VAL A 503 20.03 -0.38 23.31
N GLU A 504 20.03 0.03 24.58
CA GLU A 504 19.00 -0.46 25.50
C GLU A 504 17.66 0.20 25.24
N LYS A 505 17.66 1.51 24.94
CA LYS A 505 16.39 2.23 24.82
C LYS A 505 15.65 1.88 23.54
N TYR A 506 16.38 1.58 22.45
CA TYR A 506 15.77 1.32 21.15
C TYR A 506 16.12 -0.08 20.68
N PRO A 507 15.53 -1.11 21.29
CA PRO A 507 15.70 -2.47 20.78
C PRO A 507 14.77 -2.69 19.59
N LYS A 508 14.83 -3.89 19.03
CA LYS A 508 14.00 -4.25 17.90
C LYS A 508 12.52 -4.07 18.26
N PRO A 509 11.82 -3.14 17.60
CA PRO A 509 10.41 -2.86 17.93
C PRO A 509 9.47 -3.98 17.52
N PRO B 2 -42.64 -26.44 11.78
CA PRO B 2 -41.23 -26.66 11.42
C PRO B 2 -40.79 -25.84 10.22
N PHE B 3 -39.50 -25.56 10.12
CA PHE B 3 -38.97 -24.80 8.99
C PHE B 3 -39.22 -25.58 7.70
N PRO B 4 -39.44 -24.87 6.59
CA PRO B 4 -39.69 -25.55 5.30
C PRO B 4 -38.50 -26.39 4.87
N GLU B 5 -38.76 -27.26 3.89
CA GLU B 5 -37.80 -28.29 3.51
C GLU B 5 -36.53 -27.69 2.93
N LYS B 6 -36.63 -26.65 2.11
CA LYS B 6 -35.46 -26.03 1.52
C LYS B 6 -35.06 -24.74 2.24
N PHE B 7 -35.50 -24.57 3.48
CA PHE B 7 -34.98 -23.49 4.31
C PHE B 7 -33.46 -23.59 4.39
N PHE B 8 -32.79 -22.45 4.23
CA PHE B 8 -31.33 -22.44 4.23
C PHE B 8 -30.80 -22.44 5.65
N TRP B 9 -29.97 -23.43 5.96
CA TRP B 9 -29.20 -23.45 7.20
C TRP B 9 -27.73 -23.33 6.85
N GLY B 10 -27.06 -22.34 7.43
CA GLY B 10 -25.68 -22.10 7.05
C GLY B 10 -24.98 -21.12 7.94
N ALA B 11 -23.88 -20.60 7.41
CA ALA B 11 -23.08 -19.59 8.09
C ALA B 11 -22.51 -18.64 7.04
N SER B 12 -22.02 -17.50 7.51
CA SER B 12 -21.41 -16.50 6.65
C SER B 12 -19.95 -16.31 7.04
N SER B 13 -19.19 -15.72 6.12
CA SER B 13 -17.79 -15.43 6.35
C SER B 13 -17.38 -14.29 5.43
N SER B 14 -16.18 -13.76 5.68
CA SER B 14 -15.62 -12.72 4.83
C SER B 14 -14.18 -13.07 4.52
N GLY B 15 -13.68 -12.52 3.41
CA GLY B 15 -12.31 -12.81 3.01
C GLY B 15 -11.29 -12.33 4.02
N PHE B 16 -11.41 -11.07 4.45
CA PHE B 16 -10.39 -10.50 5.32
C PHE B 16 -10.31 -11.19 6.67
N GLN B 17 -11.47 -11.57 7.22
CA GLN B 17 -11.50 -12.14 8.56
C GLN B 17 -11.14 -13.62 8.60
N PHE B 18 -11.02 -14.29 7.46
CA PHE B 18 -10.92 -15.74 7.43
C PHE B 18 -9.72 -16.24 6.62
N GLU B 19 -9.37 -15.53 5.53
CA GLU B 19 -8.52 -16.12 4.51
C GLU B 19 -7.09 -16.32 4.99
N MET B 20 -6.49 -15.30 5.58
CA MET B 20 -5.06 -15.34 5.87
C MET B 20 -4.76 -16.19 7.10
N GLY B 21 -3.49 -16.56 7.23
CA GLY B 21 -3.04 -17.38 8.34
C GLY B 21 -1.96 -18.36 7.95
N ASP B 22 -1.73 -18.49 6.64
CA ASP B 22 -0.77 -19.45 6.10
C ASP B 22 0.59 -19.28 6.79
N PRO B 23 1.18 -20.35 7.30
CA PRO B 23 2.47 -20.22 8.02
C PRO B 23 3.63 -19.75 7.16
N GLU B 24 3.59 -19.88 5.84
CA GLU B 24 4.78 -19.53 5.08
C GLU B 24 5.06 -18.01 4.97
N GLY B 25 4.10 -17.13 4.67
CA GLY B 25 2.72 -17.43 4.33
C GLY B 25 2.40 -16.83 2.98
N LYS B 26 2.15 -17.72 2.00
CA LYS B 26 2.02 -17.30 0.61
C LYS B 26 0.72 -16.57 0.31
N SER B 27 -0.25 -16.59 1.22
CA SER B 27 -1.58 -16.07 0.94
C SER B 27 -1.78 -14.64 1.42
N ILE B 28 -0.73 -13.99 1.93
CA ILE B 28 -0.89 -12.67 2.53
C ILE B 28 -1.37 -11.67 1.48
N ASP B 29 -2.49 -11.01 1.78
CA ASP B 29 -2.96 -9.90 0.96
C ASP B 29 -2.68 -8.61 1.72
N PRO B 30 -1.58 -7.91 1.44
CA PRO B 30 -1.29 -6.65 2.15
C PRO B 30 -1.92 -5.42 1.52
N ASN B 31 -2.68 -5.57 0.43
CA ASN B 31 -3.11 -4.44 -0.39
C ASN B 31 -4.54 -4.01 -0.11
N THR B 32 -4.97 -4.00 1.15
CA THR B 32 -6.28 -3.47 1.51
C THR B 32 -6.10 -2.29 2.47
N ASP B 33 -7.13 -1.44 2.49
CA ASP B 33 -7.14 -0.36 3.48
C ASP B 33 -7.13 -0.92 4.89
N TRP B 34 -7.84 -2.03 5.12
CA TRP B 34 -7.91 -2.60 6.46
C TRP B 34 -6.60 -3.26 6.87
N PHE B 35 -5.83 -3.80 5.92
CA PHE B 35 -4.54 -4.37 6.26
C PHE B 35 -3.60 -3.29 6.80
N LYS B 36 -3.49 -2.19 6.07
CA LYS B 36 -2.67 -1.07 6.53
C LYS B 36 -3.24 -0.46 7.80
N TRP B 37 -4.56 -0.53 7.98
CA TRP B 37 -5.21 0.08 9.13
C TRP B 37 -4.82 -0.62 10.43
N VAL B 38 -4.81 -1.95 10.44
CA VAL B 38 -4.52 -2.69 11.65
C VAL B 38 -3.02 -2.88 11.89
N HIS B 39 -2.19 -2.66 10.88
CA HIS B 39 -0.73 -2.64 11.06
C HIS B 39 -0.20 -1.27 11.45
N ASP B 40 -1.07 -0.27 11.58
CA ASP B 40 -0.64 1.09 11.88
C ASP B 40 -0.25 1.20 13.35
N GLU B 41 1.00 1.57 13.60
CA GLU B 41 1.50 1.62 14.97
C GLU B 41 0.76 2.65 15.80
N THR B 42 0.35 3.76 15.20
CA THR B 42 -0.43 4.77 15.92
C THR B 42 -1.78 4.19 16.37
N ASN B 43 -2.48 3.51 15.45
CA ASN B 43 -3.73 2.85 15.82
C ASN B 43 -3.51 1.84 16.93
N ILE B 44 -2.47 1.02 16.80
CA ILE B 44 -2.17 0.00 17.81
C ILE B 44 -1.83 0.66 19.14
N ARG B 45 -1.05 1.74 19.10
CA ARG B 45 -0.60 2.39 20.33
C ARG B 45 -1.77 3.04 21.06
N ARG B 46 -2.69 3.66 20.32
CA ARG B 46 -3.81 4.38 20.92
C ARG B 46 -5.01 3.51 21.20
N GLY B 47 -4.90 2.19 20.98
CA GLY B 47 -6.02 1.30 21.21
C GLY B 47 -7.12 1.39 20.18
N VAL B 48 -6.89 2.07 19.05
CA VAL B 48 -7.89 2.09 17.98
C VAL B 48 -8.11 0.67 17.44
N VAL B 49 -7.03 -0.08 17.26
CA VAL B 49 -7.10 -1.47 16.82
C VAL B 49 -6.40 -2.34 17.86
N SER B 50 -6.65 -3.64 17.76
CA SER B 50 -6.29 -4.56 18.84
C SER B 50 -4.80 -4.81 18.93
N GLY B 51 -4.09 -4.73 17.81
CA GLY B 51 -2.71 -5.16 17.74
C GLY B 51 -2.52 -6.53 17.12
N ASP B 52 -3.59 -7.32 17.04
CA ASP B 52 -3.54 -8.60 16.34
C ASP B 52 -3.49 -8.38 14.84
N LEU B 53 -2.89 -9.34 14.14
CA LEU B 53 -2.65 -9.19 12.72
C LEU B 53 -3.37 -10.28 11.94
N PRO B 54 -4.01 -9.93 10.82
CA PRO B 54 -4.75 -10.94 10.05
C PRO B 54 -3.89 -12.03 9.45
N GLU B 55 -2.58 -11.78 9.24
CA GLU B 55 -1.71 -12.82 8.69
C GLU B 55 -1.56 -14.01 9.63
N HIS B 56 -1.92 -13.85 10.91
CA HIS B 56 -1.85 -14.93 11.88
C HIS B 56 -3.20 -15.61 12.08
N GLY B 57 -4.12 -15.45 11.13
CA GLY B 57 -5.48 -15.94 11.30
C GLY B 57 -5.64 -17.41 10.99
N ILE B 58 -6.89 -17.80 10.74
CA ILE B 58 -7.28 -19.21 10.67
C ILE B 58 -6.99 -19.87 9.33
N ASN B 59 -6.57 -19.10 8.32
CA ASN B 59 -6.10 -19.65 7.04
C ASN B 59 -7.20 -20.45 6.34
N TYR B 60 -8.36 -19.83 6.17
CA TYR B 60 -9.43 -20.43 5.35
C TYR B 60 -9.03 -20.53 3.89
N TRP B 61 -8.05 -19.74 3.45
CA TRP B 61 -7.61 -19.77 2.06
C TRP B 61 -7.06 -21.14 1.68
N ASP B 62 -6.33 -21.79 2.58
CA ASP B 62 -5.79 -23.12 2.31
C ASP B 62 -6.59 -24.24 2.94
N LEU B 63 -7.34 -23.99 4.02
CA LEU B 63 -8.02 -25.02 4.77
C LEU B 63 -9.53 -25.04 4.54
N PHE B 64 -10.00 -24.48 3.41
CA PHE B 64 -11.43 -24.32 3.21
C PHE B 64 -12.14 -25.66 3.07
N ARG B 65 -11.47 -26.69 2.56
CA ARG B 65 -12.14 -27.97 2.33
C ARG B 65 -12.56 -28.61 3.64
N SER B 66 -11.70 -28.57 4.66
CA SER B 66 -12.09 -29.17 5.95
C SER B 66 -13.10 -28.30 6.68
N ASP B 67 -13.11 -26.99 6.43
CA ASP B 67 -14.13 -26.14 7.03
C ASP B 67 -15.49 -26.36 6.39
N HIS B 68 -15.53 -26.65 5.09
CA HIS B 68 -16.80 -26.92 4.43
C HIS B 68 -17.35 -28.29 4.83
N GLU B 69 -16.48 -29.29 4.91
CA GLU B 69 -16.90 -30.59 5.43
C GLU B 69 -17.42 -30.46 6.86
N LEU B 70 -16.78 -29.61 7.66
CA LEU B 70 -17.29 -29.32 9.00
C LEU B 70 -18.69 -28.71 8.93
N ALA B 71 -18.90 -27.75 8.03
CA ALA B 71 -20.21 -27.11 7.91
C ALA B 71 -21.27 -28.12 7.52
N ALA B 72 -21.00 -28.95 6.50
CA ALA B 72 -21.94 -29.99 6.13
C ALA B 72 -22.12 -31.00 7.24
N SER B 73 -21.09 -31.22 8.06
CA SER B 73 -21.18 -32.17 9.16
C SER B 73 -22.25 -31.81 10.18
N ILE B 74 -22.64 -30.53 10.27
CA ILE B 74 -23.60 -30.11 11.27
C ILE B 74 -24.90 -29.66 10.61
N GLY B 75 -25.20 -30.23 9.45
CA GLY B 75 -26.49 -30.00 8.82
C GLY B 75 -26.61 -28.74 8.01
N MET B 76 -25.51 -28.06 7.70
CA MET B 76 -25.58 -26.88 6.86
C MET B 76 -25.86 -27.27 5.42
N ASN B 77 -26.64 -26.43 4.73
CA ASN B 77 -26.89 -26.60 3.31
C ASN B 77 -26.65 -25.31 2.53
N ALA B 78 -26.00 -24.32 3.15
CA ALA B 78 -25.76 -23.04 2.51
C ALA B 78 -24.57 -22.38 3.17
N TYR B 79 -23.88 -21.53 2.42
CA TYR B 79 -22.68 -20.88 2.94
C TYR B 79 -22.43 -19.60 2.15
N ARG B 80 -22.19 -18.51 2.86
CA ARG B 80 -21.85 -17.23 2.25
C ARG B 80 -20.37 -16.96 2.41
N ILE B 81 -19.70 -16.67 1.29
CA ILE B 81 -18.30 -16.27 1.30
C ILE B 81 -18.20 -14.87 0.73
N GLY B 82 -17.07 -14.22 1.00
CA GLY B 82 -16.76 -12.92 0.44
C GLY B 82 -15.59 -13.04 -0.53
N ILE B 83 -15.64 -12.24 -1.58
CA ILE B 83 -14.51 -12.08 -2.50
C ILE B 83 -13.76 -10.82 -2.12
N GLU B 84 -12.45 -10.90 -2.05
CA GLU B 84 -11.61 -9.73 -1.81
C GLU B 84 -11.31 -9.07 -3.16
N TRP B 85 -11.92 -7.90 -3.38
CA TRP B 85 -11.65 -7.10 -4.57
C TRP B 85 -10.15 -6.90 -4.77
N SER B 86 -9.42 -6.62 -3.68
CA SER B 86 -7.98 -6.39 -3.78
C SER B 86 -7.22 -7.62 -4.28
N ARG B 87 -7.70 -8.82 -3.95
CA ARG B 87 -7.08 -10.03 -4.49
C ARG B 87 -7.30 -10.14 -5.99
N ILE B 88 -8.50 -9.81 -6.46
CA ILE B 88 -8.81 -9.96 -7.88
C ILE B 88 -8.06 -8.91 -8.69
N PHE B 89 -8.05 -7.66 -8.23
CA PHE B 89 -7.38 -6.57 -8.93
C PHE B 89 -6.44 -5.87 -7.96
N PRO B 90 -5.22 -6.40 -7.78
CA PRO B 90 -4.25 -5.73 -6.90
C PRO B 90 -3.72 -4.43 -7.46
N LYS B 91 -3.86 -4.19 -8.76
CA LYS B 91 -3.43 -2.96 -9.40
C LYS B 91 -4.64 -2.21 -9.94
N PRO B 92 -4.54 -0.89 -10.08
CA PRO B 92 -5.71 -0.09 -10.50
C PRO B 92 -6.25 -0.51 -11.86
N THR B 93 -7.57 -0.40 -12.01
CA THR B 93 -8.25 -0.69 -13.26
C THR B 93 -8.76 0.57 -13.95
N LEU B 94 -8.25 1.74 -13.55
CA LEU B 94 -8.78 3.01 -14.06
C LEU B 94 -8.46 3.23 -15.54
N ASP B 95 -7.42 2.60 -16.07
CA ASP B 95 -7.12 2.79 -17.48
C ASP B 95 -7.99 1.94 -18.39
N VAL B 96 -8.74 0.98 -17.84
CA VAL B 96 -9.77 0.28 -18.61
C VAL B 96 -10.92 1.27 -18.82
N ARG B 97 -10.91 1.94 -19.97
CA ARG B 97 -11.86 3.03 -20.20
C ARG B 97 -13.27 2.49 -20.38
N VAL B 98 -14.24 3.23 -19.86
CA VAL B 98 -15.63 2.78 -19.80
C VAL B 98 -16.53 3.98 -20.02
N GLY B 99 -17.57 3.80 -20.83
CA GLY B 99 -18.58 4.83 -20.98
C GLY B 99 -19.47 4.91 -19.75
N ILE B 100 -19.87 6.13 -19.39
CA ILE B 100 -20.71 6.35 -18.22
C ILE B 100 -21.83 7.32 -18.58
N GLU B 101 -22.91 7.23 -17.81
CA GLU B 101 -24.04 8.14 -17.92
C GLU B 101 -24.27 8.78 -16.56
N LEU B 102 -24.46 10.11 -16.54
CA LEU B 102 -24.56 10.88 -15.31
C LEU B 102 -25.89 11.60 -15.27
N ASP B 103 -26.69 11.29 -14.24
CA ASP B 103 -27.90 12.05 -13.94
C ASP B 103 -27.54 13.53 -13.72
N PRO B 104 -28.47 14.45 -14.01
CA PRO B 104 -28.20 15.87 -13.73
C PRO B 104 -27.80 16.15 -12.29
N GLU B 105 -28.29 15.37 -11.33
CA GLU B 105 -27.89 15.50 -9.93
C GLU B 105 -26.53 14.88 -9.65
N GLY B 106 -25.85 14.35 -10.67
CA GLY B 106 -24.51 13.83 -10.50
C GLY B 106 -24.42 12.35 -10.24
N TYR B 107 -25.55 11.66 -10.11
CA TYR B 107 -25.53 10.22 -9.84
C TYR B 107 -25.19 9.45 -11.10
N ILE B 108 -24.39 8.40 -10.95
CA ILE B 108 -23.97 7.56 -12.06
C ILE B 108 -25.06 6.54 -12.32
N THR B 109 -25.77 6.70 -13.44
CA THR B 109 -26.87 5.80 -13.76
C THR B 109 -26.48 4.67 -14.69
N ARG B 110 -25.35 4.77 -15.38
CA ARG B 110 -24.88 3.70 -16.25
C ARG B 110 -23.36 3.64 -16.22
N VAL B 111 -22.82 2.42 -16.23
CA VAL B 111 -21.41 2.17 -16.38
C VAL B 111 -21.28 1.15 -17.50
N GLU B 112 -20.79 1.59 -18.66
CA GLU B 112 -20.84 0.78 -19.89
C GLU B 112 -19.66 -0.19 -19.92
N VAL B 113 -19.79 -1.27 -19.15
CA VAL B 113 -18.84 -2.38 -19.21
C VAL B 113 -19.26 -3.28 -20.35
N ASP B 114 -18.52 -3.26 -21.45
CA ASP B 114 -18.82 -4.06 -22.62
C ASP B 114 -17.77 -5.17 -22.76
N ASP B 115 -17.85 -5.90 -23.88
CA ASP B 115 -16.95 -7.04 -24.09
C ASP B 115 -15.49 -6.61 -24.10
N LYS B 116 -15.19 -5.49 -24.74
CA LYS B 116 -13.82 -4.98 -24.74
C LYS B 116 -13.34 -4.69 -23.33
N ALA B 117 -14.21 -4.14 -22.48
CA ALA B 117 -13.82 -3.86 -21.11
C ALA B 117 -13.54 -5.14 -20.34
N ILE B 118 -14.31 -6.20 -20.59
CA ILE B 118 -14.09 -7.47 -19.90
C ILE B 118 -12.73 -8.06 -20.31
N GLU B 119 -12.39 -7.97 -21.60
CA GLU B 119 -11.11 -8.50 -22.06
C GLU B 119 -9.94 -7.78 -21.39
N GLU B 120 -10.01 -6.45 -21.30
CA GLU B 120 -8.95 -5.70 -20.64
C GLU B 120 -8.91 -5.99 -19.15
N LEU B 121 -10.07 -6.15 -18.51
CA LEU B 121 -10.10 -6.51 -17.10
C LEU B 121 -9.51 -7.90 -16.88
N ASP B 122 -9.75 -8.82 -17.83
CA ASP B 122 -9.18 -10.16 -17.71
C ASP B 122 -7.66 -10.13 -17.81
N LEU B 123 -7.11 -9.18 -18.56
CA LEU B 123 -5.66 -9.03 -18.62
C LEU B 123 -5.09 -8.60 -17.27
N LEU B 124 -5.87 -7.90 -16.46
CA LEU B 124 -5.40 -7.40 -15.17
C LEU B 124 -5.70 -8.32 -14.01
N ALA B 125 -6.71 -9.18 -14.14
CA ALA B 125 -7.14 -10.01 -13.01
C ALA B 125 -6.04 -10.98 -12.60
N ASN B 126 -5.95 -11.23 -11.29
CA ASN B 126 -5.02 -12.22 -10.76
C ASN B 126 -5.67 -13.58 -10.93
N LYS B 127 -5.19 -14.34 -11.92
CA LYS B 127 -5.83 -15.62 -12.25
C LYS B 127 -5.67 -16.64 -11.13
N GLU B 128 -4.59 -16.56 -10.36
CA GLU B 128 -4.43 -17.46 -9.22
C GLU B 128 -5.54 -17.23 -8.19
N ALA B 129 -5.87 -15.96 -7.93
CA ALA B 129 -6.94 -15.66 -6.98
C ALA B 129 -8.28 -16.12 -7.52
N VAL B 130 -8.57 -15.83 -8.79
CA VAL B 130 -9.84 -16.23 -9.41
C VAL B 130 -10.03 -17.75 -9.28
N SER B 131 -8.99 -18.52 -9.60
CA SER B 131 -9.13 -19.97 -9.60
C SER B 131 -9.37 -20.50 -8.19
N ARG B 132 -8.72 -19.90 -7.18
CA ARG B 132 -8.92 -20.36 -5.81
C ARG B 132 -10.35 -20.14 -5.35
N TYR B 133 -10.89 -18.94 -5.61
CA TYR B 133 -12.30 -18.70 -5.32
C TYR B 133 -13.19 -19.67 -6.07
N ARG B 134 -12.84 -19.96 -7.33
CA ARG B 134 -13.57 -20.97 -8.08
C ARG B 134 -13.48 -22.33 -7.40
N GLU B 135 -12.29 -22.69 -6.89
CA GLU B 135 -12.14 -23.93 -6.13
C GLU B 135 -13.01 -23.91 -4.88
N ILE B 136 -13.02 -22.80 -4.14
CA ILE B 136 -13.79 -22.71 -2.91
C ILE B 136 -15.27 -22.88 -3.20
N ILE B 137 -15.76 -22.28 -4.30
CA ILE B 137 -17.17 -22.39 -4.65
C ILE B 137 -17.50 -23.81 -5.11
N LEU B 138 -16.64 -24.40 -5.95
CA LEU B 138 -16.89 -25.76 -6.42
C LEU B 138 -16.93 -26.75 -5.27
N ASP B 139 -16.03 -26.59 -4.29
CA ASP B 139 -16.03 -27.50 -3.15
C ASP B 139 -17.30 -27.36 -2.32
N LEU B 140 -17.88 -26.16 -2.27
CA LEU B 140 -19.16 -25.98 -1.59
C LEU B 140 -20.27 -26.71 -2.31
N ARG B 141 -20.32 -26.62 -3.64
CA ARG B 141 -21.36 -27.30 -4.39
C ARG B 141 -21.25 -28.81 -4.24
N ASP B 142 -20.02 -29.33 -4.19
CA ASP B 142 -19.82 -30.77 -4.07
C ASP B 142 -20.36 -31.33 -2.76
N ARG B 143 -20.58 -30.47 -1.75
CA ARG B 143 -21.10 -30.92 -0.46
C ARG B 143 -22.55 -30.53 -0.25
N GLY B 144 -23.26 -30.13 -1.30
CA GLY B 144 -24.64 -29.73 -1.15
C GLY B 144 -24.83 -28.41 -0.43
N LEU B 145 -23.85 -27.51 -0.51
CA LEU B 145 -23.93 -26.21 0.13
C LEU B 145 -24.26 -25.16 -0.92
N LYS B 146 -25.46 -24.58 -0.84
CA LYS B 146 -25.82 -23.48 -1.70
C LYS B 146 -24.91 -22.29 -1.44
N VAL B 147 -24.35 -21.73 -2.49
CA VAL B 147 -23.30 -20.70 -2.37
C VAL B 147 -23.93 -19.33 -2.45
N PHE B 148 -23.56 -18.47 -1.50
CA PHE B 148 -23.83 -17.03 -1.54
C PHE B 148 -22.49 -16.33 -1.62
N VAL B 149 -22.32 -15.46 -2.61
CA VAL B 149 -21.05 -14.78 -2.84
C VAL B 149 -21.26 -13.29 -2.60
N CYS B 150 -20.49 -12.73 -1.67
CA CYS B 150 -20.51 -11.31 -1.36
C CYS B 150 -19.34 -10.63 -2.05
N LEU B 151 -19.62 -9.58 -2.82
CA LEU B 151 -18.57 -8.94 -3.62
C LEU B 151 -17.71 -8.00 -2.79
N ASN B 152 -18.27 -7.35 -1.77
CA ASN B 152 -17.49 -6.42 -0.96
C ASN B 152 -17.92 -6.55 0.50
N HIS B 153 -16.92 -6.76 1.38
CA HIS B 153 -17.15 -6.94 2.82
C HIS B 153 -16.15 -6.05 3.54
N PHE B 154 -16.46 -4.74 3.59
CA PHE B 154 -15.69 -3.71 4.26
C PHE B 154 -14.40 -3.34 3.51
N THR B 155 -13.49 -4.28 3.35
CA THR B 155 -12.15 -3.95 2.85
C THR B 155 -12.20 -3.49 1.40
N LEU B 156 -11.28 -2.60 1.07
CA LEU B 156 -11.10 -2.01 -0.26
C LEU B 156 -9.63 -2.09 -0.65
N PRO B 157 -9.34 -2.19 -1.95
CA PRO B 157 -7.93 -2.12 -2.38
C PRO B 157 -7.29 -0.82 -1.92
N LEU B 158 -6.00 -0.90 -1.59
CA LEU B 158 -5.28 0.30 -1.17
C LEU B 158 -5.28 1.36 -2.26
N TRP B 159 -5.23 0.96 -3.53
CA TRP B 159 -5.33 1.93 -4.60
C TRP B 159 -6.71 2.56 -4.70
N ILE B 160 -7.71 1.98 -4.02
CA ILE B 160 -9.02 2.60 -3.91
C ILE B 160 -9.12 3.47 -2.66
N HIS B 161 -8.47 3.08 -1.57
CA HIS B 161 -8.59 3.79 -0.30
C HIS B 161 -7.31 3.63 0.50
N ASP B 162 -6.59 4.74 0.71
CA ASP B 162 -5.48 4.79 1.66
C ASP B 162 -6.02 5.40 2.95
N PRO B 163 -6.35 4.59 3.96
CA PRO B 163 -7.00 5.15 5.16
C PRO B 163 -6.07 5.99 6.02
N ILE B 164 -4.77 5.76 5.95
CA ILE B 164 -3.83 6.57 6.73
C ILE B 164 -3.73 7.96 6.14
N ALA B 165 -3.54 8.05 4.81
CA ALA B 165 -3.51 9.35 4.15
C ALA B 165 -4.79 10.12 4.41
N CYS B 166 -5.94 9.45 4.30
CA CYS B 166 -7.21 10.12 4.57
C CYS B 166 -7.30 10.60 6.01
N ARG B 167 -6.87 9.77 6.97
CA ARG B 167 -6.92 10.17 8.37
C ARG B 167 -5.94 11.29 8.66
N ASP B 168 -4.68 11.14 8.25
CA ASP B 168 -3.66 12.14 8.54
C ASP B 168 -4.03 13.49 7.94
N THR B 169 -4.60 13.50 6.75
CA THR B 169 -4.88 14.73 6.03
C THR B 169 -6.34 15.15 6.09
N LYS B 170 -7.19 14.42 6.82
CA LYS B 170 -8.62 14.71 6.90
C LYS B 170 -9.23 14.84 5.50
N LEU B 171 -8.96 13.84 4.66
CA LEU B 171 -9.51 13.67 3.32
C LEU B 171 -8.99 14.66 2.29
N LYS B 172 -7.92 15.40 2.60
CA LYS B 172 -7.33 16.26 1.59
C LYS B 172 -6.44 15.47 0.63
N ARG B 173 -5.83 14.39 1.10
CA ARG B 173 -5.09 13.46 0.27
C ARG B 173 -5.72 12.07 0.39
N GLY B 174 -5.76 11.35 -0.72
CA GLY B 174 -6.37 10.04 -0.75
C GLY B 174 -5.41 8.90 -1.04
N PRO B 175 -5.87 7.88 -1.80
CA PRO B 175 -7.23 7.74 -2.34
C PRO B 175 -8.30 7.56 -1.27
N LYS B 176 -9.53 7.99 -1.56
CA LYS B 176 -10.50 8.32 -0.53
C LYS B 176 -11.68 7.35 -0.45
N GLY B 177 -11.57 6.18 -1.09
CA GLY B 177 -12.60 5.17 -0.93
C GLY B 177 -13.96 5.65 -1.42
N TRP B 178 -14.99 5.41 -0.60
CA TRP B 178 -16.36 5.73 -1.01
C TRP B 178 -16.64 7.22 -1.03
N VAL B 179 -15.73 8.06 -0.54
CA VAL B 179 -15.88 9.50 -0.69
C VAL B 179 -15.67 9.90 -2.15
N ASP B 180 -14.90 9.11 -2.91
CA ASP B 180 -14.59 9.40 -4.31
C ASP B 180 -15.52 8.61 -5.22
N LYS B 181 -16.16 9.32 -6.16
CA LYS B 181 -17.11 8.69 -7.07
C LYS B 181 -16.43 7.66 -7.97
N THR B 182 -15.12 7.81 -8.22
CA THR B 182 -14.44 6.85 -9.08
C THR B 182 -14.46 5.45 -8.50
N THR B 183 -14.64 5.31 -7.18
CA THR B 183 -14.79 4.01 -6.57
C THR B 183 -16.00 3.27 -7.15
N ILE B 184 -17.06 4.01 -7.46
CA ILE B 184 -18.24 3.40 -8.08
C ILE B 184 -17.89 2.81 -9.43
N LEU B 185 -17.17 3.58 -10.24
CA LEU B 185 -16.77 3.09 -11.57
C LEU B 185 -15.92 1.83 -11.45
N GLU B 186 -14.91 1.85 -10.59
CA GLU B 186 -14.03 0.70 -10.44
C GLU B 186 -14.76 -0.48 -9.83
N PHE B 187 -15.64 -0.23 -8.85
CA PHE B 187 -16.43 -1.33 -8.30
C PHE B 187 -17.34 -1.92 -9.36
N ALA B 188 -17.89 -1.08 -10.24
CA ALA B 188 -18.75 -1.58 -11.31
C ALA B 188 -17.97 -2.49 -12.25
N LYS B 189 -16.75 -2.12 -12.61
CA LYS B 189 -15.91 -2.98 -13.45
C LYS B 189 -15.64 -4.31 -12.77
N TYR B 190 -15.35 -4.27 -11.47
CA TYR B 190 -15.04 -5.48 -10.70
C TYR B 190 -16.26 -6.39 -10.59
N SER B 191 -17.43 -5.82 -10.31
CA SER B 191 -18.65 -6.63 -10.22
C SER B 191 -18.97 -7.29 -11.55
N ALA B 192 -18.87 -6.54 -12.64
CA ALA B 192 -19.13 -7.11 -13.96
C ALA B 192 -18.17 -8.25 -14.27
N TYR B 193 -16.90 -8.09 -13.91
CA TYR B 193 -15.92 -9.15 -14.19
C TYR B 193 -16.20 -10.40 -13.37
N MET B 194 -16.60 -10.24 -12.11
CA MET B 194 -16.84 -11.41 -11.27
C MET B 194 -18.10 -12.15 -11.69
N ALA B 195 -19.12 -11.41 -12.15
CA ALA B 195 -20.31 -12.07 -12.69
C ALA B 195 -19.97 -12.85 -13.96
N TRP B 196 -19.15 -12.25 -14.82
CA TRP B 196 -18.71 -12.92 -16.04
C TRP B 196 -17.93 -14.20 -15.73
N SER B 197 -17.06 -14.15 -14.71
CA SER B 197 -16.16 -15.27 -14.45
C SER B 197 -16.77 -16.35 -13.57
N LEU B 198 -17.69 -16.00 -12.67
CA LEU B 198 -18.24 -16.95 -11.71
C LEU B 198 -19.73 -17.23 -11.91
N GLY B 199 -20.35 -16.64 -12.92
CA GLY B 199 -21.80 -16.72 -13.04
C GLY B 199 -22.33 -18.11 -13.26
N ASN B 200 -21.55 -18.99 -13.89
CA ASN B 200 -22.00 -20.35 -14.13
C ASN B 200 -21.89 -21.24 -12.90
N ILE B 201 -21.40 -20.71 -11.78
CA ILE B 201 -21.26 -21.49 -10.55
C ILE B 201 -21.92 -20.74 -9.40
N VAL B 202 -22.35 -19.50 -9.66
CA VAL B 202 -22.93 -18.62 -8.64
C VAL B 202 -24.24 -18.07 -9.15
N ASP B 203 -25.28 -18.13 -8.32
CA ASP B 203 -26.57 -17.52 -8.64
C ASP B 203 -27.01 -16.51 -7.58
N TYR B 204 -26.78 -16.78 -6.30
CA TYR B 204 -27.10 -15.85 -5.23
C TYR B 204 -25.92 -14.90 -5.05
N TRP B 205 -26.13 -13.63 -5.39
CA TRP B 205 -25.11 -12.60 -5.29
C TRP B 205 -25.45 -11.60 -4.19
N VAL B 206 -24.41 -11.07 -3.56
CA VAL B 206 -24.53 -10.00 -2.57
C VAL B 206 -23.54 -8.91 -2.97
N THR B 207 -24.04 -7.71 -3.26
CA THR B 207 -23.14 -6.61 -3.58
C THR B 207 -22.30 -6.22 -2.38
N PHE B 208 -22.93 -5.72 -1.33
CA PHE B 208 -22.24 -5.20 -0.16
C PHE B 208 -22.73 -5.87 1.11
N ASN B 209 -21.79 -6.10 2.03
CA ASN B 209 -22.11 -6.50 3.39
C ASN B 209 -22.13 -5.26 4.27
N GLU B 210 -23.26 -5.00 4.91
CA GLU B 210 -23.46 -3.89 5.83
C GLU B 210 -22.87 -2.58 5.31
N PRO B 211 -23.38 -2.05 4.19
CA PRO B 211 -22.83 -0.79 3.66
C PRO B 211 -22.95 0.38 4.61
N MET B 212 -24.04 0.45 5.39
CA MET B 212 -24.19 1.57 6.32
C MET B 212 -23.21 1.48 7.47
N VAL B 213 -22.74 0.28 7.80
CA VAL B 213 -21.68 0.16 8.81
C VAL B 213 -20.39 0.79 8.30
N VAL B 214 -20.06 0.55 7.02
CA VAL B 214 -18.84 1.10 6.44
C VAL B 214 -18.83 2.63 6.55
N THR B 215 -19.93 3.26 6.16
CA THR B 215 -19.98 4.72 6.14
C THR B 215 -20.10 5.30 7.55
N GLU B 216 -20.98 4.73 8.38
CA GLU B 216 -21.15 5.23 9.74
C GLU B 216 -19.86 5.12 10.53
N ALA B 217 -19.32 3.91 10.66
CA ALA B 217 -18.07 3.72 11.38
C ALA B 217 -16.90 4.38 10.67
N GLY B 218 -17.00 4.61 9.36
CA GLY B 218 -15.91 5.24 8.64
C GLY B 218 -15.82 6.73 8.87
N TYR B 219 -16.95 7.42 8.93
CA TYR B 219 -16.96 8.88 8.84
C TYR B 219 -17.78 9.56 9.91
N PHE B 220 -18.26 8.84 10.92
CA PHE B 220 -19.05 9.49 11.96
C PHE B 220 -18.98 8.80 13.32
N GLN B 221 -18.18 7.75 13.48
CA GLN B 221 -18.11 7.02 14.75
C GLN B 221 -16.70 6.48 14.93
N PRO B 222 -15.74 7.36 15.24
CA PRO B 222 -14.33 6.92 15.29
C PRO B 222 -14.04 5.91 16.39
N GLU B 223 -14.82 5.90 17.48
CA GLU B 223 -14.56 5.00 18.59
C GLU B 223 -14.78 3.53 18.20
N VAL B 224 -15.45 3.26 17.08
CA VAL B 224 -15.61 1.89 16.63
C VAL B 224 -14.28 1.32 16.13
N GLY B 225 -13.38 2.19 15.68
CA GLY B 225 -12.08 1.75 15.20
C GLY B 225 -12.00 1.39 13.74
N PHE B 226 -12.94 1.86 12.90
CA PHE B 226 -12.95 1.56 11.49
C PHE B 226 -12.23 2.64 10.68
N PRO B 227 -11.66 2.29 9.53
CA PRO B 227 -11.01 3.30 8.67
C PRO B 227 -12.03 4.15 7.92
N PRO B 228 -11.71 5.43 7.65
CA PRO B 228 -10.45 6.09 8.03
C PRO B 228 -10.49 6.69 9.43
N GLY B 229 -11.53 6.37 10.20
CA GLY B 229 -11.61 6.85 11.57
C GLY B 229 -11.88 8.33 11.70
N LEU B 230 -12.60 8.91 10.76
CA LEU B 230 -12.93 10.33 10.80
C LEU B 230 -14.33 10.56 11.34
N ARG B 231 -14.60 11.81 11.69
CA ARG B 231 -15.96 12.28 11.95
C ARG B 231 -16.16 13.50 11.07
N ASN B 232 -17.01 13.37 10.06
CA ASN B 232 -17.11 14.35 8.99
C ASN B 232 -18.44 14.08 8.31
N ILE B 233 -19.48 14.79 8.76
CA ILE B 233 -20.84 14.51 8.29
C ILE B 233 -20.94 14.73 6.78
N SER B 234 -20.20 15.70 6.25
CA SER B 234 -20.20 15.91 4.81
C SER B 234 -19.69 14.67 4.08
N ALA B 235 -18.55 14.12 4.54
CA ALA B 235 -18.04 12.89 3.95
C ALA B 235 -18.95 11.70 4.25
N PHE B 236 -19.63 11.71 5.39
CA PHE B 236 -20.56 10.63 5.71
C PHE B 236 -21.71 10.60 4.70
N LYS B 237 -22.30 11.76 4.41
CA LYS B 237 -23.35 11.84 3.41
C LYS B 237 -22.85 11.37 2.05
N THR B 238 -21.70 11.88 1.63
CA THR B 238 -21.17 11.57 0.30
C THR B 238 -20.88 10.08 0.16
N ALA B 239 -20.31 9.47 1.20
CA ALA B 239 -20.01 8.05 1.13
C ALA B 239 -21.27 7.21 1.10
N CYS B 240 -22.27 7.59 1.88
CA CYS B 240 -23.56 6.88 1.84
C CYS B 240 -24.16 6.93 0.44
N LEU B 241 -24.16 8.12 -0.18
CA LEU B 241 -24.72 8.26 -1.51
C LEU B 241 -23.94 7.46 -2.53
N ASN B 242 -22.61 7.46 -2.43
CA ASN B 242 -21.80 6.78 -3.44
C ASN B 242 -21.90 5.27 -3.34
N ILE B 243 -21.96 4.74 -2.11
CA ILE B 243 -22.01 3.29 -1.97
C ILE B 243 -23.39 2.76 -2.35
N ALA B 244 -24.45 3.55 -2.13
CA ALA B 244 -25.77 3.17 -2.62
C ALA B 244 -25.82 3.27 -4.14
N ASN B 245 -25.20 4.32 -4.70
CA ASN B 245 -25.06 4.41 -6.15
C ASN B 245 -24.33 3.19 -6.70
N ALA B 246 -23.29 2.74 -6.00
CA ALA B 246 -22.51 1.61 -6.49
C ALA B 246 -23.29 0.32 -6.46
N HIS B 247 -24.21 0.15 -5.51
CA HIS B 247 -25.03 -1.06 -5.49
C HIS B 247 -25.90 -1.15 -6.73
N VAL B 248 -26.52 -0.03 -7.13
CA VAL B 248 -27.47 -0.07 -8.23
C VAL B 248 -26.79 -0.41 -9.54
N VAL B 249 -25.64 0.23 -9.81
CA VAL B 249 -24.94 -0.06 -11.06
C VAL B 249 -24.36 -1.47 -11.03
N ALA B 250 -23.88 -1.92 -9.87
CA ALA B 250 -23.40 -3.29 -9.77
C ALA B 250 -24.54 -4.29 -9.97
N TYR B 251 -25.72 -3.98 -9.43
CA TYR B 251 -26.90 -4.81 -9.66
C TYR B 251 -27.16 -4.99 -11.15
N ASP B 252 -27.12 -3.88 -11.91
CA ASP B 252 -27.41 -3.95 -13.34
C ASP B 252 -26.32 -4.71 -14.10
N LEU B 253 -25.06 -4.62 -13.66
CA LEU B 253 -23.98 -5.27 -14.38
C LEU B 253 -23.84 -6.74 -14.01
N ILE B 254 -24.18 -7.12 -12.79
CA ILE B 254 -24.20 -8.53 -12.43
C ILE B 254 -25.25 -9.27 -13.24
N LYS B 255 -26.45 -8.68 -13.37
CA LYS B 255 -27.50 -9.31 -14.15
C LYS B 255 -27.18 -9.31 -15.65
N LYS B 256 -26.33 -8.39 -16.11
CA LYS B 256 -25.94 -8.42 -17.51
C LYS B 256 -24.91 -9.51 -17.80
N TYR B 257 -23.97 -9.74 -16.89
CA TYR B 257 -22.89 -10.66 -17.19
C TYR B 257 -23.05 -12.03 -16.54
N ASP B 258 -24.03 -12.21 -15.66
CA ASP B 258 -24.38 -13.54 -15.15
C ASP B 258 -25.72 -13.91 -15.77
N LYS B 259 -25.68 -14.65 -16.88
CA LYS B 259 -26.87 -15.16 -17.54
C LYS B 259 -27.09 -16.64 -17.33
N VAL B 260 -26.27 -17.28 -16.49
CA VAL B 260 -26.26 -18.74 -16.33
C VAL B 260 -26.84 -19.10 -14.97
N ARG B 261 -27.87 -19.95 -14.98
CA ARG B 261 -28.37 -20.56 -13.75
C ARG B 261 -27.47 -21.75 -13.42
N ALA B 262 -26.58 -21.57 -12.46
CA ALA B 262 -25.76 -22.69 -11.98
C ALA B 262 -26.65 -23.79 -11.42
N ASP B 263 -27.62 -23.42 -10.60
CA ASP B 263 -28.63 -24.35 -10.10
C ASP B 263 -29.93 -24.10 -10.85
N ASP B 264 -30.54 -25.18 -11.35
CA ASP B 264 -31.71 -25.04 -12.19
C ASP B 264 -32.94 -24.60 -11.41
N ASP B 265 -32.95 -24.77 -10.09
CA ASP B 265 -34.06 -24.31 -9.26
C ASP B 265 -33.78 -22.98 -8.58
N SER B 266 -32.75 -22.25 -9.00
CA SER B 266 -32.53 -20.91 -8.49
C SER B 266 -33.64 -19.99 -8.99
N PRO B 267 -33.91 -18.89 -8.27
CA PRO B 267 -34.96 -17.97 -8.74
C PRO B 267 -34.64 -17.32 -10.06
N SER B 268 -33.35 -17.06 -10.33
CA SER B 268 -32.92 -16.53 -11.61
C SER B 268 -31.43 -16.79 -11.74
N ALA B 269 -30.89 -16.47 -12.92
CA ALA B 269 -29.46 -16.69 -13.17
C ALA B 269 -28.60 -15.85 -12.25
N ALA B 270 -29.06 -14.65 -11.90
CA ALA B 270 -28.34 -13.76 -10.99
C ALA B 270 -29.35 -13.19 -10.01
N TYR B 271 -29.41 -13.75 -8.81
CA TYR B 271 -30.31 -13.31 -7.75
C TYR B 271 -29.49 -12.38 -6.85
N VAL B 272 -29.62 -11.08 -7.08
CA VAL B 272 -28.72 -10.08 -6.50
C VAL B 272 -29.40 -9.47 -5.28
N GLY B 273 -28.78 -9.65 -4.12
CA GLY B 273 -29.27 -9.04 -2.91
C GLY B 273 -28.28 -8.09 -2.29
N ILE B 274 -28.58 -7.63 -1.08
CA ILE B 274 -27.67 -6.80 -0.29
C ILE B 274 -27.82 -7.25 1.15
N VAL B 275 -26.71 -7.23 1.90
CA VAL B 275 -26.72 -7.62 3.30
C VAL B 275 -26.73 -6.35 4.14
N HIS B 276 -27.80 -6.17 4.90
CA HIS B 276 -28.07 -4.95 5.64
C HIS B 276 -28.24 -5.28 7.11
N ASN B 277 -27.51 -4.59 7.97
CA ASN B 277 -27.66 -4.81 9.40
C ASN B 277 -28.83 -3.98 9.90
N ILE B 278 -29.86 -4.65 10.40
CA ILE B 278 -31.09 -4.00 10.83
C ILE B 278 -31.09 -3.97 12.36
N VAL B 279 -31.24 -2.78 12.92
CA VAL B 279 -31.22 -2.58 14.36
C VAL B 279 -32.60 -2.11 14.80
N PRO B 280 -33.39 -2.95 15.47
CA PRO B 280 -34.64 -2.46 16.06
C PRO B 280 -34.35 -1.40 17.10
N ILE B 281 -35.03 -0.25 16.97
CA ILE B 281 -34.76 0.93 17.78
C ILE B 281 -35.93 1.11 18.74
N LYS B 282 -35.67 1.02 20.04
CA LYS B 282 -36.70 1.17 21.04
C LYS B 282 -36.57 2.53 21.72
N PRO B 283 -37.54 3.43 21.56
CA PRO B 283 -37.49 4.69 22.31
C PRO B 283 -37.65 4.43 23.80
N TYR B 284 -36.94 5.25 24.58
CA TYR B 284 -36.93 5.07 26.04
C TYR B 284 -38.30 5.30 26.65
N SER B 285 -39.03 6.30 26.15
CA SER B 285 -40.37 6.59 26.62
C SER B 285 -41.20 7.08 25.43
N GLU B 286 -42.49 7.35 25.70
CA GLU B 286 -43.41 7.78 24.66
C GLU B 286 -43.46 9.30 24.51
N ARG B 287 -42.42 10.00 24.93
CA ARG B 287 -42.35 11.44 24.73
C ARG B 287 -41.93 11.77 23.30
N LYS B 288 -42.28 12.99 22.88
CA LYS B 288 -41.94 13.42 21.52
C LYS B 288 -40.44 13.35 21.26
N LEU B 289 -39.64 13.84 22.22
CA LEU B 289 -38.19 13.84 22.06
C LEU B 289 -37.66 12.44 21.81
N ASP B 290 -38.08 11.46 22.63
CA ASP B 290 -37.58 10.11 22.48
C ASP B 290 -38.16 9.43 21.24
N LEU B 291 -39.41 9.74 20.90
CA LEU B 291 -40.00 9.15 19.70
C LEU B 291 -39.39 9.74 18.44
N LYS B 292 -39.13 11.06 18.45
CA LYS B 292 -38.54 11.70 17.28
C LYS B 292 -37.11 11.21 17.05
N ALA B 293 -36.36 10.97 18.12
CA ALA B 293 -35.00 10.47 17.97
C ALA B 293 -34.99 9.03 17.46
N ALA B 294 -35.90 8.19 17.97
CA ALA B 294 -35.96 6.80 17.51
C ALA B 294 -36.40 6.72 16.06
N ASP B 295 -37.34 7.59 15.66
CA ASP B 295 -37.76 7.64 14.26
C ASP B 295 -36.60 8.02 13.35
N LEU B 296 -35.82 9.03 13.76
CA LEU B 296 -34.67 9.45 12.96
C LEU B 296 -33.63 8.34 12.86
N MET B 297 -33.24 7.76 14.00
CA MET B 297 -32.26 6.69 13.99
C MET B 297 -32.71 5.51 13.13
N ASN B 298 -33.98 5.13 13.26
CA ASN B 298 -34.50 4.02 12.43
C ASN B 298 -34.46 4.39 10.95
N TYR B 299 -34.75 5.65 10.63
CA TYR B 299 -34.76 6.07 9.23
C TYR B 299 -33.37 6.06 8.64
N ILE B 300 -32.41 6.72 9.31
CA ILE B 300 -31.07 6.87 8.75
C ILE B 300 -30.41 5.51 8.55
N HIS B 301 -30.44 4.68 9.59
CA HIS B 301 -29.67 3.44 9.54
C HIS B 301 -30.43 2.30 8.86
N ASN B 302 -31.69 2.08 9.22
CA ASN B 302 -32.41 0.93 8.69
C ASN B 302 -33.03 1.23 7.32
N LYS B 303 -33.65 2.39 7.16
CA LYS B 303 -34.53 2.63 6.01
C LYS B 303 -33.88 3.40 4.87
N TRP B 304 -32.92 4.29 5.16
CA TRP B 304 -32.46 5.24 4.14
C TRP B 304 -31.96 4.53 2.89
N ILE B 305 -31.10 3.53 3.05
CA ILE B 305 -30.50 2.89 1.89
C ILE B 305 -31.49 2.00 1.16
N LEU B 306 -32.53 1.52 1.84
CA LEU B 306 -33.58 0.77 1.16
C LEU B 306 -34.52 1.69 0.39
N GLU B 307 -34.72 2.92 0.88
CA GLU B 307 -35.40 3.93 0.08
C GLU B 307 -34.63 4.20 -1.21
N PHE B 308 -33.30 4.18 -1.13
CA PHE B 308 -32.45 4.41 -2.29
C PHE B 308 -32.62 3.31 -3.33
N ILE B 309 -32.36 2.05 -2.94
CA ILE B 309 -32.21 0.99 -3.92
C ILE B 309 -33.48 0.20 -4.21
N VAL B 310 -34.54 0.37 -3.42
CA VAL B 310 -35.81 -0.30 -3.69
C VAL B 310 -36.81 0.65 -4.35
N ARG B 311 -36.99 1.84 -3.79
CA ARG B 311 -37.94 2.81 -4.33
C ARG B 311 -37.29 3.87 -5.21
N GLY B 312 -35.97 3.87 -5.33
CA GLY B 312 -35.30 4.88 -6.14
C GLY B 312 -35.50 6.29 -5.61
N LYS B 313 -35.76 6.44 -4.32
CA LYS B 313 -35.92 7.74 -3.69
C LYS B 313 -34.62 8.10 -2.97
N ILE B 314 -34.01 9.21 -3.36
CA ILE B 314 -32.71 9.62 -2.83
C ILE B 314 -32.93 10.77 -1.85
N ASP B 315 -32.30 10.68 -0.68
CA ASP B 315 -32.36 11.72 0.34
C ASP B 315 -30.94 12.22 0.58
N ARG B 316 -30.61 13.35 -0.05
CA ARG B 316 -29.27 13.91 0.03
C ARG B 316 -28.89 14.29 1.46
N SER B 317 -29.87 14.57 2.31
CA SER B 317 -29.60 15.03 3.66
C SER B 317 -29.45 13.92 4.68
N LEU B 318 -30.00 12.73 4.41
CA LEU B 318 -30.07 11.57 5.30
C LEU B 318 -30.94 11.80 6.52
N VAL B 319 -31.62 12.93 6.62
CA VAL B 319 -32.45 13.22 7.78
C VAL B 319 -33.89 13.50 7.39
N GLY B 320 -34.27 13.12 6.17
CA GLY B 320 -35.66 13.23 5.76
C GLY B 320 -36.07 14.58 5.25
N ARG B 321 -35.13 15.45 4.90
CA ARG B 321 -35.45 16.81 4.46
C ARG B 321 -35.57 16.94 2.95
N GLU B 322 -35.12 15.94 2.18
CA GLU B 322 -35.10 16.05 0.72
C GLU B 322 -35.63 14.77 0.11
N LYS B 323 -36.05 14.89 -1.15
CA LYS B 323 -36.70 13.80 -1.88
C LYS B 323 -36.35 13.94 -3.36
N TYR B 324 -35.61 12.97 -3.88
CA TYR B 324 -35.23 12.97 -5.29
C TYR B 324 -35.47 11.58 -5.86
N LEU B 325 -36.28 11.50 -6.92
CA LEU B 325 -36.66 10.24 -7.53
C LEU B 325 -35.87 10.03 -8.82
N ILE B 326 -35.26 8.85 -8.93
CA ILE B 326 -34.62 8.40 -10.16
C ILE B 326 -35.28 7.07 -10.53
N ASP B 327 -36.10 7.09 -11.59
CA ASP B 327 -36.78 5.87 -12.01
C ASP B 327 -35.80 4.78 -12.40
N LYS B 328 -34.61 5.17 -12.88
CA LYS B 328 -33.57 4.20 -13.20
C LYS B 328 -33.07 3.46 -11.96
N PHE B 329 -33.41 3.91 -10.75
CA PHE B 329 -32.92 3.31 -9.53
C PHE B 329 -33.95 2.48 -8.78
N LYS B 330 -35.21 2.45 -9.23
CA LYS B 330 -36.24 1.73 -8.49
C LYS B 330 -36.08 0.23 -8.65
N ASP B 331 -36.37 -0.49 -7.57
CA ASP B 331 -36.49 -1.96 -7.59
C ASP B 331 -35.17 -2.62 -7.99
N LYS B 332 -34.05 -2.04 -7.58
CA LYS B 332 -32.74 -2.61 -7.86
C LYS B 332 -32.29 -3.51 -6.69
N LEU B 333 -33.13 -4.52 -6.43
CA LEU B 333 -32.87 -5.47 -5.36
C LEU B 333 -33.79 -6.69 -5.53
N ASP B 334 -33.22 -7.89 -5.51
CA ASP B 334 -34.01 -9.10 -5.62
C ASP B 334 -34.33 -9.73 -4.27
N TRP B 335 -33.46 -9.58 -3.28
CA TRP B 335 -33.69 -10.13 -1.96
C TRP B 335 -32.87 -9.33 -0.96
N LEU B 336 -33.20 -9.48 0.31
CA LEU B 336 -32.60 -8.70 1.37
C LEU B 336 -32.04 -9.63 2.43
N GLY B 337 -30.72 -9.58 2.64
CA GLY B 337 -30.10 -10.28 3.74
C GLY B 337 -30.16 -9.42 4.99
N VAL B 338 -30.67 -9.99 6.07
CA VAL B 338 -30.84 -9.29 7.33
C VAL B 338 -29.80 -9.79 8.32
N ASN B 339 -28.89 -8.89 8.73
CA ASN B 339 -28.03 -9.13 9.87
C ASN B 339 -28.71 -8.59 11.12
N TYR B 340 -28.82 -9.42 12.15
CA TYR B 340 -29.36 -8.97 13.43
C TYR B 340 -28.50 -9.48 14.57
N TYR B 341 -28.08 -8.57 15.44
CA TYR B 341 -27.32 -8.92 16.63
C TYR B 341 -28.04 -8.50 17.91
N THR B 342 -28.43 -7.23 18.01
CA THR B 342 -29.19 -6.76 19.16
C THR B 342 -29.93 -5.48 18.77
N ARG B 343 -30.67 -4.93 19.72
CA ARG B 343 -31.47 -3.74 19.55
C ARG B 343 -30.71 -2.51 20.03
N ILE B 344 -31.38 -1.36 20.02
CA ILE B 344 -30.86 -0.12 20.60
C ILE B 344 -32.00 0.59 21.31
N VAL B 345 -31.79 0.92 22.59
CA VAL B 345 -32.72 1.75 23.35
C VAL B 345 -32.11 3.14 23.46
N LEU B 346 -32.87 4.17 23.09
CA LEU B 346 -32.31 5.52 23.05
C LEU B 346 -33.32 6.54 23.55
N LYS B 347 -32.78 7.66 24.02
CA LYS B 347 -33.54 8.86 24.33
C LYS B 347 -33.27 9.90 23.27
N GLY B 348 -34.07 10.97 23.30
CA GLY B 348 -33.85 12.14 22.49
C GLY B 348 -33.33 13.27 23.36
N LYS B 349 -32.30 13.97 22.87
CA LYS B 349 -31.79 15.15 23.54
C LYS B 349 -31.74 16.29 22.54
N TRP B 350 -32.02 17.50 23.02
CA TRP B 350 -32.09 18.68 22.16
C TRP B 350 -30.71 19.31 22.04
N VAL B 351 -30.27 19.54 20.81
CA VAL B 351 -28.95 20.09 20.55
C VAL B 351 -29.06 21.48 19.90
N VAL B 360 -32.70 17.44 17.66
CA VAL B 360 -32.94 16.15 18.30
C VAL B 360 -31.99 15.09 17.73
N ILE B 361 -31.04 14.66 18.55
CA ILE B 361 -30.13 13.59 18.17
C ILE B 361 -30.30 12.46 19.17
N PRO B 362 -29.96 11.23 18.79
CA PRO B 362 -30.12 10.10 19.71
C PRO B 362 -29.17 10.21 20.90
N ASP B 363 -29.66 9.72 22.04
CA ASP B 363 -28.88 9.62 23.28
C ASP B 363 -29.02 8.17 23.75
N ILE B 364 -28.00 7.36 23.50
CA ILE B 364 -28.11 5.92 23.69
C ILE B 364 -28.16 5.59 25.18
N VAL B 365 -29.19 4.85 25.57
CA VAL B 365 -29.38 4.47 26.97
C VAL B 365 -28.50 3.25 27.27
N LYS B 366 -27.62 3.40 28.25
CA LYS B 366 -26.73 2.30 28.61
C LYS B 366 -27.50 1.19 29.32
N GLY B 367 -26.90 0.00 29.32
CA GLY B 367 -27.53 -1.15 29.93
C GLY B 367 -28.48 -1.90 29.02
N TYR B 368 -28.58 -1.51 27.75
CA TYR B 368 -29.38 -2.22 26.76
C TYR B 368 -28.60 -2.30 25.46
N GLY B 369 -28.97 -3.29 24.64
CA GLY B 369 -28.44 -3.36 23.28
C GLY B 369 -26.93 -3.46 23.24
N PHE B 370 -26.33 -2.62 22.39
CA PHE B 370 -24.89 -2.64 22.15
C PHE B 370 -24.08 -2.03 23.28
N ASN B 371 -24.72 -1.42 24.28
CA ASN B 371 -23.97 -0.70 25.31
C ASN B 371 -24.20 -1.28 26.70
N CYS B 372 -23.91 -2.55 26.87
CA CYS B 372 -23.94 -3.22 28.16
C CYS B 372 -22.51 -3.54 28.59
N THR B 373 -22.36 -3.88 29.87
CA THR B 373 -21.06 -4.27 30.38
C THR B 373 -20.75 -5.69 29.92
N PRO B 374 -19.62 -5.91 29.23
CA PRO B 374 -19.32 -7.25 28.69
C PRO B 374 -19.35 -8.32 29.77
N GLY B 375 -20.01 -9.43 29.46
CA GLY B 375 -20.14 -10.53 30.39
C GLY B 375 -21.10 -10.29 31.53
N GLY B 376 -21.76 -9.14 31.59
CA GLY B 376 -22.67 -8.84 32.68
C GLY B 376 -24.11 -9.17 32.37
N ARG B 377 -25.03 -8.32 32.84
CA ARG B 377 -26.46 -8.46 32.63
C ARG B 377 -27.01 -7.14 32.13
N SER B 378 -27.98 -7.21 31.23
CA SER B 378 -28.64 -5.99 30.80
C SER B 378 -29.68 -5.56 31.83
N LEU B 379 -30.14 -4.33 31.70
CA LEU B 379 -31.17 -3.82 32.60
C LEU B 379 -32.51 -4.50 32.39
N ASP B 380 -32.68 -5.26 31.30
CA ASP B 380 -33.85 -6.11 31.11
C ASP B 380 -33.58 -7.56 31.53
N GLY B 381 -32.47 -7.81 32.20
CA GLY B 381 -32.19 -9.14 32.73
C GLY B 381 -31.64 -10.12 31.72
N MET B 382 -31.12 -9.65 30.62
CA MET B 382 -30.65 -10.57 29.61
C MET B 382 -29.15 -10.77 29.72
N PRO B 383 -28.64 -11.95 29.31
CA PRO B 383 -27.19 -12.14 29.24
C PRO B 383 -26.55 -11.18 28.25
N VAL B 384 -25.24 -10.99 28.40
CA VAL B 384 -24.48 -10.01 27.64
C VAL B 384 -23.25 -10.69 27.05
N SER B 385 -23.00 -10.45 25.76
CA SER B 385 -21.88 -11.07 25.07
C SER B 385 -20.55 -10.50 25.56
N ASP B 386 -19.46 -11.13 25.11
CA ASP B 386 -18.13 -10.60 25.39
C ASP B 386 -17.91 -9.24 24.74
N PHE B 387 -18.72 -8.89 23.73
CA PHE B 387 -18.67 -7.60 23.08
C PHE B 387 -19.47 -6.54 23.82
N GLY B 388 -20.16 -6.90 24.90
CA GLY B 388 -21.06 -5.98 25.56
C GLY B 388 -22.41 -5.86 24.91
N TRP B 389 -22.83 -6.85 24.14
CA TRP B 389 -24.08 -6.80 23.39
C TRP B 389 -25.16 -7.58 24.13
N GLU B 390 -26.31 -6.94 24.33
CA GLU B 390 -27.43 -7.60 24.99
C GLU B 390 -27.99 -8.70 24.12
N VAL B 391 -28.22 -9.87 24.71
CA VAL B 391 -28.92 -10.95 24.04
C VAL B 391 -30.41 -10.64 24.07
N TYR B 392 -31.01 -10.43 22.90
CA TYR B 392 -32.42 -10.02 22.80
C TYR B 392 -33.06 -10.76 21.63
N PRO B 393 -33.46 -12.01 21.83
CA PRO B 393 -33.99 -12.81 20.71
C PRO B 393 -35.28 -12.25 20.12
N GLN B 394 -36.11 -11.55 20.90
CA GLN B 394 -37.33 -11.00 20.34
C GLN B 394 -37.07 -9.91 19.31
N GLY B 395 -35.92 -9.24 19.39
CA GLY B 395 -35.57 -8.24 18.39
C GLY B 395 -35.43 -8.79 16.99
N LEU B 396 -35.19 -10.10 16.85
CA LEU B 396 -35.10 -10.70 15.52
C LEU B 396 -36.41 -10.55 14.76
N SER B 397 -37.54 -10.80 15.44
CA SER B 397 -38.84 -10.61 14.79
C SER B 397 -39.08 -9.15 14.45
N ASP B 398 -38.62 -8.23 15.29
CA ASP B 398 -38.82 -6.81 15.02
C ASP B 398 -37.94 -6.34 13.87
N ALA B 399 -36.71 -6.87 13.77
CA ALA B 399 -35.83 -6.51 12.67
C ALA B 399 -36.39 -7.02 11.33
N LEU B 400 -36.95 -8.23 11.33
CA LEU B 400 -37.56 -8.75 10.11
C LEU B 400 -38.82 -7.97 9.75
N ASP B 401 -39.52 -7.42 10.74
CA ASP B 401 -40.67 -6.57 10.45
C ASP B 401 -40.25 -5.32 9.69
N ILE B 402 -39.18 -4.66 10.15
CA ILE B 402 -38.66 -3.51 9.44
C ILE B 402 -38.20 -3.91 8.04
N ALA B 403 -37.53 -5.06 7.93
CA ALA B 403 -37.11 -5.56 6.63
C ALA B 403 -38.31 -5.83 5.72
N SER B 404 -39.42 -6.28 6.30
CA SER B 404 -40.56 -6.73 5.49
C SER B 404 -41.28 -5.59 4.80
N GLU B 405 -41.03 -4.34 5.19
CA GLU B 405 -41.75 -3.22 4.58
C GLU B 405 -41.43 -3.05 3.11
N TYR B 406 -40.33 -3.60 2.63
CA TYR B 406 -39.86 -3.34 1.28
C TYR B 406 -40.19 -4.48 0.30
N GLY B 407 -40.97 -5.46 0.74
CA GLY B 407 -41.57 -6.41 -0.18
C GLY B 407 -40.63 -7.34 -0.90
N LYS B 408 -39.46 -7.62 -0.32
CA LYS B 408 -38.51 -8.54 -0.91
C LYS B 408 -38.32 -9.76 -0.02
N PRO B 409 -38.01 -10.92 -0.60
CA PRO B 409 -37.74 -12.10 0.23
C PRO B 409 -36.58 -11.84 1.17
N LEU B 410 -36.69 -12.38 2.39
CA LEU B 410 -35.72 -12.14 3.44
C LEU B 410 -34.93 -13.41 3.73
N ILE B 411 -33.64 -13.23 4.02
CA ILE B 411 -32.78 -14.29 4.53
C ILE B 411 -31.97 -13.69 5.67
N VAL B 412 -31.96 -14.37 6.81
CA VAL B 412 -31.09 -13.98 7.92
C VAL B 412 -29.67 -14.39 7.55
N THR B 413 -28.83 -13.41 7.22
CA THR B 413 -27.49 -13.69 6.73
C THR B 413 -26.42 -13.58 7.81
N GLU B 414 -26.73 -12.98 8.97
CA GLU B 414 -25.83 -13.01 10.10
C GLU B 414 -26.62 -12.97 11.40
N ASN B 415 -26.18 -13.79 12.35
CA ASN B 415 -26.73 -13.82 13.70
C ASN B 415 -25.79 -14.66 14.55
N GLY B 416 -25.28 -14.08 15.63
CA GLY B 416 -24.29 -14.79 16.43
C GLY B 416 -23.90 -13.95 17.63
N ILE B 417 -22.98 -14.50 18.41
CA ILE B 417 -22.58 -13.90 19.68
C ILE B 417 -21.10 -14.12 19.90
N ALA B 418 -20.42 -13.07 20.38
CA ALA B 418 -19.05 -13.19 20.85
C ALA B 418 -19.07 -13.85 22.23
N ASP B 419 -18.71 -15.13 22.29
CA ASP B 419 -18.80 -15.91 23.53
C ASP B 419 -17.74 -17.01 23.46
N SER B 420 -16.56 -16.70 23.99
CA SER B 420 -15.43 -17.62 23.91
C SER B 420 -15.63 -18.85 24.80
N GLU B 421 -16.35 -18.71 25.90
CA GLU B 421 -16.59 -19.83 26.80
C GLU B 421 -17.79 -20.68 26.38
N ASP B 422 -18.58 -20.20 25.42
CA ASP B 422 -19.75 -20.93 24.90
C ASP B 422 -20.74 -21.28 26.01
N ASN B 423 -20.95 -20.34 26.94
CA ASN B 423 -21.96 -20.52 27.97
C ASN B 423 -23.26 -19.79 27.66
N ILE B 424 -23.23 -18.80 26.77
CA ILE B 424 -24.43 -18.11 26.33
C ILE B 424 -24.88 -18.54 24.94
N ARG B 425 -23.95 -18.87 24.05
CA ARG B 425 -24.31 -19.23 22.68
C ARG B 425 -25.38 -20.32 22.57
N PRO B 426 -25.36 -21.41 23.35
CA PRO B 426 -26.46 -22.37 23.25
C PRO B 426 -27.83 -21.76 23.51
N TYR B 427 -27.97 -20.97 24.58
CA TYR B 427 -29.23 -20.27 24.81
C TYR B 427 -29.50 -19.26 23.70
N PHE B 428 -28.48 -18.54 23.28
CA PHE B 428 -28.59 -17.61 22.15
C PHE B 428 -29.18 -18.31 20.93
N LEU B 429 -28.66 -19.51 20.63
CA LEU B 429 -29.10 -20.23 19.44
C LEU B 429 -30.52 -20.73 19.58
N VAL B 430 -30.84 -21.37 20.70
CA VAL B 430 -32.18 -21.93 20.91
C VAL B 430 -33.24 -20.82 20.90
N SER B 431 -32.93 -19.69 21.55
CA SER B 431 -33.95 -18.65 21.72
C SER B 431 -34.19 -17.89 20.42
N HIS B 432 -33.12 -17.52 19.71
CA HIS B 432 -33.30 -16.80 18.45
C HIS B 432 -34.04 -17.64 17.42
N LEU B 433 -33.77 -18.95 17.40
CA LEU B 433 -34.30 -19.79 16.33
C LEU B 433 -35.74 -20.22 16.58
N LYS B 434 -36.19 -20.29 17.84
CA LYS B 434 -37.60 -20.52 18.08
C LYS B 434 -38.41 -19.26 17.77
N VAL B 435 -37.84 -18.08 18.04
CA VAL B 435 -38.44 -16.84 17.57
C VAL B 435 -38.50 -16.83 16.04
N LEU B 436 -37.42 -17.26 15.40
CA LEU B 436 -37.40 -17.32 13.93
C LEU B 436 -38.40 -18.33 13.40
N GLU B 437 -38.52 -19.48 14.07
CA GLU B 437 -39.46 -20.51 13.60
C GLU B 437 -40.90 -20.01 13.67
N GLU B 438 -41.25 -19.32 14.75
CA GLU B 438 -42.59 -18.73 14.83
C GLU B 438 -42.80 -17.70 13.74
N TYR B 439 -41.79 -16.90 13.45
CA TYR B 439 -41.91 -15.88 12.41
C TYR B 439 -42.09 -16.52 11.04
N VAL B 440 -41.40 -17.63 10.78
CA VAL B 440 -41.44 -18.24 9.46
C VAL B 440 -42.83 -18.77 9.15
N GLU B 441 -43.51 -19.35 10.14
CA GLU B 441 -44.82 -19.92 9.86
C GLU B 441 -45.92 -18.88 9.84
N LYS B 442 -45.73 -17.73 10.51
CA LYS B 442 -46.74 -16.69 10.49
C LYS B 442 -46.54 -15.68 9.35
N LYS B 443 -45.29 -15.34 9.04
CA LYS B 443 -45.00 -14.35 8.00
C LYS B 443 -44.56 -14.97 6.68
N LYS B 444 -43.89 -16.12 6.71
CA LYS B 444 -43.62 -16.93 5.52
C LYS B 444 -42.77 -16.20 4.49
N ASN B 445 -41.94 -15.25 4.92
CA ASN B 445 -41.11 -14.48 4.00
C ASN B 445 -39.63 -14.55 4.32
N VAL B 446 -39.22 -15.44 5.22
CA VAL B 446 -37.81 -15.67 5.53
C VAL B 446 -37.45 -17.07 5.03
N TYR B 447 -36.34 -17.16 4.30
CA TYR B 447 -35.99 -18.38 3.59
C TYR B 447 -34.64 -18.95 4.02
N GLY B 448 -33.98 -18.37 5.01
CA GLY B 448 -32.69 -18.89 5.41
C GLY B 448 -32.22 -18.28 6.72
N TYR B 449 -31.32 -19.01 7.38
CA TYR B 449 -30.64 -18.53 8.57
C TYR B 449 -29.16 -18.87 8.43
N LEU B 450 -28.33 -17.83 8.36
CA LEU B 450 -26.88 -17.98 8.31
C LEU B 450 -26.30 -17.46 9.62
N HIS B 451 -25.66 -18.36 10.37
CA HIS B 451 -25.08 -18.00 11.65
C HIS B 451 -23.72 -17.32 11.45
N TRP B 452 -23.41 -16.38 12.33
CA TRP B 452 -22.06 -15.83 12.37
C TRP B 452 -21.39 -16.22 13.68
N ALA B 453 -20.39 -17.10 13.62
CA ALA B 453 -19.94 -17.71 12.37
C ALA B 453 -19.62 -19.18 12.61
N LEU B 454 -19.17 -19.89 11.56
CA LEU B 454 -18.79 -21.28 11.72
C LEU B 454 -17.60 -21.41 12.65
N THR B 455 -16.54 -20.63 12.41
CA THR B 455 -15.33 -20.68 13.20
C THR B 455 -14.99 -19.28 13.71
N ASP B 456 -14.21 -19.25 14.79
CA ASP B 456 -13.63 -17.99 15.26
C ASP B 456 -12.82 -17.34 14.15
N ASN B 457 -12.84 -16.01 14.12
CA ASN B 457 -12.15 -15.29 13.06
C ASN B 457 -11.68 -13.95 13.58
N TYR B 458 -11.08 -13.17 12.68
CA TYR B 458 -10.49 -11.88 13.01
C TYR B 458 -11.60 -10.83 13.04
N GLU B 459 -11.97 -10.37 14.23
CA GLU B 459 -13.11 -9.47 14.39
C GLU B 459 -12.64 -8.01 14.31
N TRP B 460 -12.21 -7.64 13.10
CA TRP B 460 -11.88 -6.27 12.72
C TRP B 460 -11.02 -5.55 13.75
N ALA B 461 -11.49 -4.40 14.25
CA ALA B 461 -10.70 -3.62 15.18
C ALA B 461 -10.46 -4.35 16.50
N GLN B 462 -11.25 -5.37 16.81
CA GLN B 462 -11.11 -6.11 18.06
C GLN B 462 -10.18 -7.31 17.94
N GLY B 463 -9.81 -7.71 16.72
CA GLY B 463 -8.91 -8.84 16.57
C GLY B 463 -9.59 -10.16 16.91
N PHE B 464 -8.78 -11.10 17.38
CA PHE B 464 -9.26 -12.44 17.71
C PHE B 464 -9.95 -12.53 19.06
N LYS B 465 -10.04 -11.42 19.81
CA LYS B 465 -10.63 -11.46 21.15
C LYS B 465 -12.10 -11.86 21.11
N MET B 466 -12.84 -11.36 20.12
CA MET B 466 -14.27 -11.65 19.99
C MET B 466 -14.42 -12.93 19.18
N ARG B 467 -14.85 -14.01 19.85
CA ARG B 467 -14.95 -15.33 19.25
C ARG B 467 -16.41 -15.63 18.96
N PHE B 468 -16.79 -15.55 17.69
CA PHE B 468 -18.17 -15.75 17.24
C PHE B 468 -18.44 -17.16 16.76
N GLY B 469 -17.44 -18.04 16.75
CA GLY B 469 -17.57 -19.30 16.06
C GLY B 469 -18.38 -20.34 16.82
N LEU B 470 -19.15 -21.11 16.07
CA LEU B 470 -19.61 -22.40 16.57
C LEU B 470 -18.43 -23.35 16.77
N THR B 471 -17.27 -23.02 16.21
CA THR B 471 -16.06 -23.83 16.31
C THR B 471 -14.94 -22.92 16.78
N ASP B 472 -14.24 -23.35 17.83
CA ASP B 472 -13.05 -22.67 18.28
C ASP B 472 -11.88 -23.02 17.36
N VAL B 473 -10.94 -22.07 17.21
CA VAL B 473 -9.76 -22.28 16.40
C VAL B 473 -8.53 -21.99 17.23
N ASP B 474 -7.54 -22.88 17.13
CA ASP B 474 -6.26 -22.75 17.82
C ASP B 474 -5.28 -22.14 16.83
N LEU B 475 -4.87 -20.89 17.07
CA LEU B 475 -4.12 -20.14 16.07
C LEU B 475 -2.69 -20.65 15.89
N GLU B 476 -2.18 -21.45 16.83
CA GLU B 476 -0.84 -22.00 16.65
C GLU B 476 -0.83 -23.10 15.59
N THR B 477 -1.80 -24.01 15.66
CA THR B 477 -1.85 -25.14 14.74
C THR B 477 -2.99 -25.06 13.75
N LYS B 478 -3.85 -24.03 13.84
CA LYS B 478 -5.04 -23.86 13.01
C LYS B 478 -6.08 -24.95 13.22
N GLU B 479 -5.95 -25.74 14.29
CA GLU B 479 -6.86 -26.86 14.50
C GLU B 479 -8.25 -26.35 14.89
N ARG B 480 -9.28 -26.93 14.27
CA ARG B 480 -10.66 -26.58 14.53
C ARG B 480 -11.20 -27.47 15.65
N LYS B 481 -11.86 -26.85 16.63
CA LYS B 481 -12.42 -27.58 17.77
C LYS B 481 -13.88 -27.17 17.93
N PRO B 482 -14.81 -27.99 17.45
CA PRO B 482 -16.24 -27.63 17.55
C PRO B 482 -16.65 -27.43 19.00
N ARG B 483 -17.54 -26.48 19.21
CA ARG B 483 -18.10 -26.22 20.53
C ARG B 483 -19.40 -27.00 20.71
N GLU B 484 -19.89 -27.00 21.95
CA GLU B 484 -21.17 -27.63 22.23
C GLU B 484 -22.28 -27.01 21.39
N SER B 485 -22.21 -25.70 21.16
CA SER B 485 -23.25 -25.01 20.41
C SER B 485 -23.32 -25.46 18.95
N SER B 486 -22.24 -26.02 18.41
CA SER B 486 -22.32 -26.57 17.06
C SER B 486 -23.20 -27.80 17.01
N GLU B 487 -23.25 -28.57 18.11
CA GLU B 487 -24.19 -29.68 18.19
C GLU B 487 -25.63 -29.17 18.31
N VAL B 488 -25.83 -28.07 19.02
CA VAL B 488 -27.16 -27.48 19.11
C VAL B 488 -27.64 -27.04 17.72
N PHE B 489 -26.76 -26.35 16.98
CA PHE B 489 -27.10 -25.96 15.62
C PHE B 489 -27.37 -27.18 14.75
N LYS B 490 -26.58 -28.24 14.91
CA LYS B 490 -26.78 -29.44 14.11
C LYS B 490 -28.16 -30.03 14.34
N ILE B 491 -28.57 -30.15 15.60
CA ILE B 491 -29.87 -30.73 15.92
C ILE B 491 -30.99 -29.88 15.32
N ILE B 492 -30.95 -28.57 15.57
CA ILE B 492 -32.02 -27.69 15.10
C ILE B 492 -32.10 -27.71 13.58
N ALA B 493 -30.95 -27.68 12.90
CA ALA B 493 -30.96 -27.64 11.44
C ALA B 493 -31.40 -28.98 10.85
N SER B 494 -30.87 -30.09 11.39
CA SER B 494 -31.18 -31.39 10.81
C SER B 494 -32.61 -31.82 11.10
N GLU B 495 -33.16 -31.43 12.24
CA GLU B 495 -34.54 -31.75 12.58
C GLU B 495 -35.52 -30.68 12.11
N LYS B 496 -35.02 -29.58 11.55
CA LYS B 496 -35.85 -28.53 10.94
C LYS B 496 -36.84 -27.94 11.93
N THR B 497 -36.49 -27.95 13.21
CA THR B 497 -37.30 -27.37 14.26
C THR B 497 -36.45 -27.26 15.52
N VAL B 498 -36.91 -26.46 16.46
CA VAL B 498 -36.26 -26.36 17.77
C VAL B 498 -36.91 -27.37 18.70
N PRO B 499 -36.29 -28.51 18.97
CA PRO B 499 -36.90 -29.48 19.88
C PRO B 499 -37.07 -28.88 21.25
N GLU B 500 -38.28 -29.02 21.80
CA GLU B 500 -38.53 -28.49 23.14
C GLU B 500 -37.57 -29.08 24.16
N GLU B 501 -37.02 -30.27 23.90
CA GLU B 501 -35.92 -30.75 24.74
C GLU B 501 -34.83 -29.70 24.85
N LEU B 502 -34.54 -28.99 23.75
CA LEU B 502 -33.41 -28.07 23.75
C LEU B 502 -33.72 -26.77 24.49
N VAL B 503 -34.98 -26.32 24.47
CA VAL B 503 -35.34 -25.13 25.23
C VAL B 503 -35.16 -25.39 26.72
N GLU B 504 -35.40 -26.62 27.18
CA GLU B 504 -35.22 -26.93 28.60
C GLU B 504 -33.74 -27.02 28.95
N LYS B 505 -32.95 -27.69 28.09
CA LYS B 505 -31.51 -27.83 28.33
C LYS B 505 -30.80 -26.49 28.44
N TYR B 506 -31.30 -25.47 27.74
CA TYR B 506 -30.59 -24.20 27.59
C TYR B 506 -31.55 -23.04 27.84
N PRO B 507 -31.94 -22.83 29.08
CA PRO B 507 -32.73 -21.64 29.43
C PRO B 507 -31.79 -20.45 29.59
N LYS B 508 -32.37 -19.29 29.83
CA LYS B 508 -31.59 -18.09 30.07
C LYS B 508 -30.75 -18.27 31.33
N PRO B 509 -29.43 -18.19 31.25
CA PRO B 509 -28.60 -18.44 32.43
C PRO B 509 -28.83 -17.40 33.51
N ILE B 510 -28.58 -17.80 34.76
CA ILE B 510 -28.74 -16.88 35.88
C ILE B 510 -27.67 -15.80 35.90
N PHE B 511 -26.62 -15.94 35.08
CA PHE B 511 -25.73 -14.84 34.76
C PHE B 511 -24.96 -15.12 33.48
MG MG C . 37.50 21.71 -6.27
MG MG D . -25.54 -17.46 -12.17
#